data_1HE8
#
_entry.id   1HE8
#
_cell.length_a   113.635
_cell.length_b   113.635
_cell.length_c   183.881
_cell.angle_alpha   90.00
_cell.angle_beta   90.00
_cell.angle_gamma   120.00
#
_symmetry.space_group_name_H-M   'P 31 2 1'
#
loop_
_entity.id
_entity.type
_entity.pdbx_description
1 polymer 'PHOSPHATIDYLINOSITOL 3-KINASE CATALYTIC SUBUNIT, GAMMA ISOFORM'
2 polymer 'TRANSFORMING PROTEIN P21/H-RAS-1'
3 non-polymer 'MAGNESIUM ION'
4 non-polymer 'PHOSPHOAMINOPHOSPHONIC ACID-GUANYLATE ESTER'
5 water water
#
loop_
_entity_poly.entity_id
_entity_poly.type
_entity_poly.pdbx_seq_one_letter_code
_entity_poly.pdbx_strand_id
1 'polypeptide(L)'
;SEESQAFQRQLTALIGYDVTDVSNVHDDELEFTRRGLVTPRMAEVASRDPKLYAMHPWVTSKPLPEYLWKKIANNCIFIK
IHRSTTSQTIKVSPDDTPGAILQSFFTKMAKKKSLMDIPESQSEQDFVLRVCGRDEYLVGETPIKNFQWVRHCLKNGEEI
HVVLDTPPDPALDEVRKEEWPLADDCTGVTGYHEQLTIHGKDHESVFTVSLWDCDRKFRVKIRGIDIPVLPRNTDLTVFV
EANIQHGQQVLCQRRTSPKPFTEEVLWNVWLEFSIKIKDLPKGALLNLQIYCGKAPALSSKASAESPSSESKGKVRLLYY
VNLLLIDHRFLLRRGEYVLHMWQISGKGEDQGSFNADKLTSATNPDKENSMSISILLDNYCHPIALPKHQPTPDPEGDRV
RAEMPNQLRKQLEAIIATDPLNPLTAEDKELLWHFRYESLKHPKAYPKLFSSVKWGQQEIVAKTYQLLARREVWDQSALD
VGLTMQLLDCNFSDENVRAIAVQKLESLEDDDVLHYLLQLVQAVKFEPYHDSALARFLLKRGLRNKRIGHFLFWFLRSEI
AQSRHYQQRFAVILEAYLRGCGTAMLHDFTQQVQVIEMLQKVTLDIKSLSAEKYDVSSQVISQLKQKLENLQNSQLPESF
RVPYDPGLKAGALAIEKCKVMASKKKPLWLEFKCADPTALSNETIGIIFKHGDDLRQDMLILQILRIMESIWETESLDLC
LLPYGCISTGDKIGMIEIVKDATTIAKIQQSTVGNTGAFKDEVLNHWLKEKSPTEEKFQAAVERFVYSCAGYCVATFVLG
IGDRHNDNIMITETGNLFHIDFGHILGNYKSFLGINKERVPFVLTPDFLFVMGTSGKKTSPHFQKFQDICVKAYLALRHH
TNLLIILFSMMLMTGMPQLTSKEDIEYIRDALTVGKNEEDAKKYFLDQIEVCRDKGWTVQFNWFLHLVLGIKQGEKHSAH
HHHHH
;
A
2 'polypeptide(L)'
;MTEYKLVVVGAVGVGKSALTIQLIQNHFVDEYDPTIEDSYRKQVVIDGETCLLDILDTAGQEEYSAMRDQYMRTGEGFLC
VFAINNTKSFEDIHQYREQIKRVKDSDDVPMVLVGNKCDLAARTVESRQAQDLARSYGIPYIETSAKTRQGVEDAFYTLV
REIRQH
;
B
#
# COMPACT_ATOMS: atom_id res chain seq x y z
N SER A 1 27.89 25.39 -13.63
CA SER A 1 28.17 24.37 -14.68
C SER A 1 26.94 24.05 -15.51
N GLU A 2 27.15 23.57 -16.73
CA GLU A 2 26.01 23.24 -17.59
C GLU A 2 25.40 21.94 -17.12
N GLU A 3 26.24 20.92 -16.92
CA GLU A 3 25.77 19.63 -16.46
C GLU A 3 24.98 19.83 -15.18
N SER A 4 25.54 20.62 -14.26
CA SER A 4 24.88 20.91 -13.00
C SER A 4 23.49 21.48 -13.27
N GLN A 5 23.33 22.13 -14.42
CA GLN A 5 22.05 22.71 -14.77
C GLN A 5 21.20 21.68 -15.52
N ALA A 6 21.84 20.75 -16.21
CA ALA A 6 21.10 19.73 -16.93
C ALA A 6 20.42 18.81 -15.91
N PHE A 7 21.06 18.67 -14.76
CA PHE A 7 20.56 17.84 -13.68
C PHE A 7 19.49 18.58 -12.89
N GLN A 8 19.60 19.90 -12.86
CA GLN A 8 18.63 20.71 -12.15
C GLN A 8 17.30 20.60 -12.89
N ARG A 9 17.37 20.65 -14.21
CA ARG A 9 16.19 20.54 -15.05
C ARG A 9 15.48 19.25 -14.63
N GLN A 10 16.24 18.15 -14.66
CA GLN A 10 15.75 16.83 -14.30
C GLN A 10 15.03 16.85 -12.97
N LEU A 11 15.59 17.53 -11.98
CA LEU A 11 14.96 17.60 -10.67
C LEU A 11 13.70 18.44 -10.69
N THR A 12 13.77 19.63 -11.30
CA THR A 12 12.61 20.52 -11.37
C THR A 12 11.45 19.83 -12.06
N ALA A 13 11.79 18.77 -12.78
CA ALA A 13 10.81 17.97 -13.51
C ALA A 13 10.04 17.05 -12.57
N LEU A 14 10.74 16.44 -11.64
CA LEU A 14 10.09 15.56 -10.69
C LEU A 14 9.35 16.43 -9.67
N ILE A 15 10.06 17.41 -9.10
CA ILE A 15 9.49 18.31 -8.11
C ILE A 15 8.19 18.91 -8.58
N GLY A 16 8.22 19.45 -9.79
CA GLY A 16 7.03 20.06 -10.34
C GLY A 16 7.00 21.54 -10.02
N TYR A 17 8.07 22.04 -9.40
CA TYR A 17 8.14 23.44 -9.06
C TYR A 17 9.58 23.87 -9.23
N ASP A 18 9.82 25.14 -9.48
CA ASP A 18 11.20 25.55 -9.64
C ASP A 18 11.71 26.22 -8.37
N VAL A 19 12.70 25.60 -7.72
CA VAL A 19 13.22 26.18 -6.50
C VAL A 19 14.20 27.33 -6.73
N THR A 20 14.69 27.45 -7.96
CA THR A 20 15.64 28.51 -8.30
C THR A 20 14.88 29.80 -8.64
N ASP A 21 13.56 29.73 -8.49
CA ASP A 21 12.67 30.86 -8.75
C ASP A 21 12.81 31.88 -7.64
N VAL A 22 12.58 33.14 -7.98
CA VAL A 22 12.68 34.17 -6.98
C VAL A 22 11.50 35.11 -7.14
N SER A 23 10.74 34.87 -8.21
CA SER A 23 9.57 35.67 -8.50
C SER A 23 8.72 35.92 -7.24
N ASN A 24 8.37 34.86 -6.52
CA ASN A 24 7.52 35.04 -5.34
C ASN A 24 8.25 34.83 -4.03
N VAL A 25 9.25 35.66 -3.78
CA VAL A 25 10.03 35.58 -2.56
C VAL A 25 10.43 36.97 -2.06
N HIS A 26 10.19 37.21 -0.78
CA HIS A 26 10.53 38.49 -0.16
C HIS A 26 11.77 38.40 0.73
N ASP A 27 12.56 37.34 0.56
CA ASP A 27 13.79 37.17 1.32
C ASP A 27 14.65 36.03 0.78
N ASP A 28 15.18 35.17 1.65
CA ASP A 28 16.03 34.09 1.17
C ASP A 28 15.89 32.79 1.96
N GLU A 29 14.99 32.79 2.95
CA GLU A 29 14.78 31.60 3.76
C GLU A 29 14.82 30.34 2.90
N LEU A 30 14.13 30.36 1.76
CA LEU A 30 14.11 29.20 0.90
C LEU A 30 15.52 28.86 0.41
N GLU A 31 16.23 29.87 -0.08
CA GLU A 31 17.58 29.65 -0.57
C GLU A 31 18.48 29.18 0.56
N PHE A 32 18.36 29.82 1.71
CA PHE A 32 19.17 29.49 2.87
C PHE A 32 18.89 28.06 3.30
N THR A 33 17.63 27.66 3.21
CA THR A 33 17.24 26.30 3.58
C THR A 33 17.78 25.28 2.59
N ARG A 34 17.76 25.63 1.32
CA ARG A 34 18.28 24.72 0.30
C ARG A 34 19.73 24.39 0.58
N ARG A 35 20.46 25.31 1.19
CA ARG A 35 21.85 25.01 1.49
C ARG A 35 21.93 24.42 2.87
N GLY A 36 20.98 24.76 3.73
CA GLY A 36 21.01 24.23 5.08
C GLY A 36 20.74 22.75 5.14
N LEU A 37 20.05 22.23 4.14
CA LEU A 37 19.72 20.84 4.11
C LEU A 37 20.80 19.96 3.51
N VAL A 38 21.84 20.58 2.95
CA VAL A 38 22.90 19.80 2.34
C VAL A 38 23.62 18.91 3.35
N THR A 39 23.87 19.45 4.53
CA THR A 39 24.58 18.66 5.52
C THR A 39 23.79 17.44 5.94
N PRO A 40 22.53 17.63 6.35
CA PRO A 40 21.75 16.45 6.76
C PRO A 40 21.75 15.36 5.69
N ARG A 41 21.70 15.78 4.43
CA ARG A 41 21.68 14.85 3.31
C ARG A 41 22.94 13.99 3.27
N MET A 42 24.08 14.64 3.03
CA MET A 42 25.34 13.94 2.97
C MET A 42 25.52 13.05 4.19
N ALA A 43 25.16 13.58 5.34
CA ALA A 43 25.28 12.84 6.58
C ALA A 43 24.51 11.51 6.53
N GLU A 44 23.31 11.54 5.98
CA GLU A 44 22.48 10.35 5.89
C GLU A 44 22.99 9.46 4.77
N VAL A 45 23.41 10.09 3.68
CA VAL A 45 23.91 9.32 2.59
C VAL A 45 25.18 8.61 3.02
N ALA A 46 26.10 9.35 3.62
CA ALA A 46 27.37 8.79 4.05
C ALA A 46 27.29 7.62 5.01
N SER A 47 26.24 7.54 5.80
CA SER A 47 26.15 6.46 6.75
C SER A 47 25.31 5.26 6.32
N ARG A 48 24.53 5.39 5.25
CA ARG A 48 23.70 4.26 4.87
C ARG A 48 24.49 3.13 4.21
N ASP A 49 23.94 1.93 4.34
CA ASP A 49 24.55 0.73 3.79
C ASP A 49 24.12 0.50 2.35
N PRO A 50 25.08 0.53 1.42
CA PRO A 50 24.79 0.33 -0.01
C PRO A 50 24.05 -0.94 -0.31
N LYS A 51 24.30 -1.95 0.50
CA LYS A 51 23.68 -3.26 0.33
C LYS A 51 22.23 -3.26 0.78
N LEU A 52 22.01 -3.01 2.06
CA LEU A 52 20.67 -3.01 2.61
C LEU A 52 19.81 -1.88 2.10
N TYR A 53 20.43 -0.78 1.70
CA TYR A 53 19.65 0.34 1.20
C TYR A 53 19.01 -0.04 -0.12
N ALA A 54 19.85 -0.58 -1.00
CA ALA A 54 19.39 -0.98 -2.30
C ALA A 54 18.39 -2.12 -2.21
N MET A 55 18.44 -2.86 -1.11
CA MET A 55 17.54 -3.99 -0.94
C MET A 55 16.30 -3.60 -0.12
N HIS A 56 16.44 -2.55 0.66
CA HIS A 56 15.37 -2.01 1.51
C HIS A 56 14.40 -3.03 2.12
N PRO A 57 14.92 -3.93 2.98
CA PRO A 57 14.17 -4.97 3.66
C PRO A 57 13.05 -4.34 4.46
N TRP A 58 11.91 -5.03 4.51
CA TRP A 58 10.74 -4.54 5.24
C TRP A 58 10.55 -5.42 6.46
N VAL A 59 11.03 -4.99 7.62
CA VAL A 59 10.92 -5.79 8.82
C VAL A 59 10.19 -5.10 9.96
N THR A 60 10.19 -5.71 11.14
CA THR A 60 9.52 -5.10 12.29
C THR A 60 10.03 -5.69 13.60
N SER A 61 10.19 -4.85 14.60
CA SER A 61 10.67 -5.29 15.91
C SER A 61 9.48 -5.72 16.77
N LYS A 62 8.28 -5.36 16.36
CA LYS A 62 7.11 -5.74 17.14
C LYS A 62 7.15 -7.25 17.30
N PRO A 63 6.52 -7.77 18.36
CA PRO A 63 6.52 -9.22 18.54
C PRO A 63 5.52 -9.78 17.54
N LEU A 64 5.38 -11.10 17.50
CA LEU A 64 4.45 -11.73 16.58
C LEU A 64 3.06 -11.95 17.21
N PRO A 65 2.01 -11.50 16.52
CA PRO A 65 0.65 -11.66 17.04
C PRO A 65 0.36 -13.09 17.45
N GLU A 66 -0.50 -13.25 18.45
CA GLU A 66 -0.87 -14.58 18.90
C GLU A 66 -1.62 -15.26 17.77
N TYR A 67 -2.48 -14.52 17.08
CA TYR A 67 -3.23 -15.13 16.00
C TYR A 67 -2.31 -15.57 14.87
N LEU A 68 -1.05 -15.19 14.96
CA LEU A 68 -0.06 -15.55 13.95
C LEU A 68 0.81 -16.71 14.44
N TRP A 69 1.14 -16.69 15.74
CA TRP A 69 1.94 -17.75 16.34
C TRP A 69 1.13 -19.05 16.26
N LYS A 70 -0.19 -18.92 16.33
CA LYS A 70 -1.07 -20.07 16.27
C LYS A 70 -1.02 -20.65 14.86
N LYS A 71 -0.93 -19.74 13.88
CA LYS A 71 -0.88 -20.13 12.48
C LYS A 71 0.24 -21.14 12.21
N ILE A 72 1.46 -20.79 12.59
CA ILE A 72 2.58 -21.68 12.36
C ILE A 72 2.35 -22.95 13.17
N ALA A 73 2.22 -24.08 12.48
CA ALA A 73 1.99 -25.37 13.14
C ALA A 73 3.15 -25.66 14.09
N ASN A 74 3.91 -26.69 13.79
CA ASN A 74 5.06 -27.03 14.61
C ASN A 74 6.04 -25.90 14.50
N ASN A 75 7.24 -26.08 15.06
CA ASN A 75 8.21 -24.99 15.02
C ASN A 75 8.74 -24.69 13.61
N CYS A 76 7.90 -24.83 12.59
CA CYS A 76 8.36 -24.58 11.25
C CYS A 76 7.36 -23.85 10.37
N ILE A 77 7.87 -23.32 9.28
CA ILE A 77 7.08 -22.57 8.33
C ILE A 77 7.54 -22.97 6.92
N PHE A 78 6.61 -23.42 6.10
CA PHE A 78 6.92 -23.84 4.76
C PHE A 78 7.16 -22.64 3.86
N ILE A 79 8.21 -22.75 3.04
CA ILE A 79 8.60 -21.72 2.09
C ILE A 79 8.86 -22.37 0.76
N LYS A 80 8.41 -21.77 -0.32
CA LYS A 80 8.66 -22.35 -1.62
C LYS A 80 9.72 -21.50 -2.31
N ILE A 81 10.83 -22.12 -2.69
CA ILE A 81 11.87 -21.40 -3.36
C ILE A 81 11.84 -21.69 -4.85
N HIS A 82 11.74 -20.63 -5.65
CA HIS A 82 11.71 -20.73 -7.11
C HIS A 82 12.97 -20.19 -7.79
N ARG A 83 13.16 -20.62 -9.04
CA ARG A 83 14.28 -20.18 -9.84
C ARG A 83 13.82 -20.02 -11.29
N SER A 84 13.63 -21.14 -11.97
CA SER A 84 13.16 -21.09 -13.34
C SER A 84 11.82 -21.74 -13.32
N THR A 85 11.61 -22.71 -14.20
CA THR A 85 10.37 -23.43 -14.25
C THR A 85 10.37 -24.44 -13.08
N THR A 86 11.26 -24.22 -12.11
CA THR A 86 11.39 -25.12 -10.95
C THR A 86 11.16 -24.41 -9.64
N SER A 87 10.63 -25.14 -8.67
CA SER A 87 10.37 -24.59 -7.34
C SER A 87 10.30 -25.72 -6.35
N GLN A 88 10.69 -25.46 -5.10
CA GLN A 88 10.65 -26.49 -4.09
C GLN A 88 10.21 -25.96 -2.72
N THR A 89 9.42 -26.76 -2.01
CA THR A 89 8.92 -26.42 -0.68
C THR A 89 9.92 -26.83 0.40
N ILE A 90 10.49 -25.86 1.10
CA ILE A 90 11.47 -26.17 2.13
C ILE A 90 10.92 -25.84 3.54
N LYS A 91 11.34 -26.63 4.52
CA LYS A 91 10.92 -26.41 5.91
C LYS A 91 11.85 -25.33 6.46
N VAL A 92 11.30 -24.38 7.21
CA VAL A 92 12.11 -23.32 7.79
C VAL A 92 11.59 -22.92 9.15
N SER A 93 12.51 -22.58 10.06
CA SER A 93 12.11 -22.17 11.41
C SER A 93 11.87 -20.67 11.50
N PRO A 94 10.79 -20.26 12.19
CA PRO A 94 10.48 -18.84 12.34
C PRO A 94 11.68 -17.99 12.73
N ASP A 95 12.62 -18.58 13.43
CA ASP A 95 13.78 -17.82 13.85
C ASP A 95 14.97 -17.93 12.92
N ASP A 96 14.75 -18.50 11.74
CA ASP A 96 15.80 -18.66 10.76
C ASP A 96 16.09 -17.44 9.91
N THR A 97 17.37 -17.08 9.83
CA THR A 97 17.81 -15.94 9.02
C THR A 97 17.70 -16.20 7.54
N PRO A 98 17.34 -15.18 6.76
CA PRO A 98 17.24 -15.41 5.33
C PRO A 98 18.53 -16.09 4.81
N GLY A 99 19.68 -15.54 5.22
CA GLY A 99 20.94 -16.09 4.79
C GLY A 99 21.11 -17.52 5.25
N ALA A 100 20.60 -17.83 6.44
CA ALA A 100 20.69 -19.18 6.97
C ALA A 100 19.83 -20.09 6.10
N ILE A 101 18.65 -19.62 5.74
CA ILE A 101 17.71 -20.36 4.92
C ILE A 101 18.38 -20.64 3.57
N LEU A 102 19.17 -19.70 3.08
CA LEU A 102 19.83 -19.89 1.82
C LEU A 102 21.00 -20.86 1.91
N GLN A 103 21.68 -20.94 3.05
CA GLN A 103 22.79 -21.88 3.17
C GLN A 103 22.23 -23.28 3.17
N SER A 104 21.11 -23.44 3.89
CA SER A 104 20.43 -24.72 3.97
C SER A 104 20.14 -25.15 2.52
N PHE A 105 19.16 -24.52 1.89
CA PHE A 105 18.78 -24.85 0.53
C PHE A 105 19.97 -25.14 -0.36
N PHE A 106 21.05 -24.40 -0.19
CA PHE A 106 22.20 -24.65 -1.03
C PHE A 106 22.88 -25.97 -0.72
N THR A 107 22.95 -26.34 0.56
CA THR A 107 23.55 -27.62 0.89
C THR A 107 22.60 -28.74 0.42
N LYS A 108 21.31 -28.50 0.45
CA LYS A 108 20.38 -29.53 0.01
C LYS A 108 20.57 -29.76 -1.47
N MET A 109 21.33 -28.88 -2.11
CA MET A 109 21.57 -28.97 -3.54
C MET A 109 23.01 -29.33 -3.85
N ALA A 110 23.67 -29.96 -2.88
CA ALA A 110 25.07 -30.36 -3.02
C ALA A 110 25.36 -30.92 -4.41
N LYS A 111 24.38 -31.57 -4.99
CA LYS A 111 24.53 -32.17 -6.30
C LYS A 111 23.28 -32.03 -7.15
N LYS A 112 22.62 -30.89 -7.05
CA LYS A 112 21.41 -30.72 -7.83
C LYS A 112 21.27 -29.29 -8.32
N LYS A 113 22.34 -28.50 -8.16
CA LYS A 113 22.34 -27.11 -8.61
C LYS A 113 21.80 -26.97 -10.04
N SER A 114 21.93 -28.04 -10.82
CA SER A 114 21.47 -28.04 -12.19
C SER A 114 19.94 -27.98 -12.27
N LEU A 115 19.25 -28.76 -11.44
CA LEU A 115 17.78 -28.79 -11.48
C LEU A 115 17.17 -27.41 -11.35
N MET A 116 17.50 -26.73 -10.26
CA MET A 116 16.99 -25.39 -10.01
C MET A 116 17.48 -24.47 -11.09
N ASP A 117 18.65 -24.78 -11.65
CA ASP A 117 19.28 -24.00 -12.72
C ASP A 117 20.15 -22.89 -12.14
N ILE A 118 21.01 -23.28 -11.22
CA ILE A 118 21.93 -22.40 -10.53
C ILE A 118 23.34 -22.68 -11.02
N PRO A 119 23.93 -21.73 -11.75
CA PRO A 119 25.28 -21.86 -12.29
C PRO A 119 26.25 -22.43 -11.27
N GLU A 120 26.78 -23.62 -11.56
CA GLU A 120 27.71 -24.29 -10.67
C GLU A 120 28.72 -23.27 -10.14
N SER A 121 29.31 -22.51 -11.05
CA SER A 121 30.32 -21.51 -10.69
C SER A 121 29.75 -20.40 -9.81
N GLN A 122 28.57 -19.91 -10.18
CA GLN A 122 27.91 -18.85 -9.44
C GLN A 122 27.94 -19.15 -7.94
N SER A 123 28.63 -18.30 -7.19
CA SER A 123 28.76 -18.47 -5.74
C SER A 123 27.39 -18.42 -5.09
N GLU A 124 27.32 -18.92 -3.86
CA GLU A 124 26.07 -18.95 -3.13
C GLU A 124 25.93 -17.63 -2.38
N GLN A 125 27.05 -17.04 -2.03
CA GLN A 125 27.04 -15.76 -1.33
C GLN A 125 26.47 -14.72 -2.27
N ASP A 126 26.44 -15.01 -3.56
CA ASP A 126 25.93 -14.05 -4.53
C ASP A 126 24.47 -14.29 -4.91
N PHE A 127 23.66 -14.62 -3.91
CA PHE A 127 22.24 -14.85 -4.14
C PHE A 127 21.43 -14.19 -3.05
N VAL A 128 20.19 -13.83 -3.39
CA VAL A 128 19.32 -13.18 -2.43
C VAL A 128 17.91 -13.77 -2.60
N LEU A 129 17.16 -13.82 -1.50
CA LEU A 129 15.81 -14.34 -1.50
C LEU A 129 14.76 -13.26 -1.73
N ARG A 130 14.29 -13.14 -2.96
CA ARG A 130 13.31 -12.12 -3.33
C ARG A 130 11.85 -12.62 -3.48
N VAL A 131 10.91 -11.92 -2.87
CA VAL A 131 9.52 -12.37 -2.99
C VAL A 131 9.17 -12.43 -4.48
N CYS A 132 8.60 -13.54 -4.93
CA CYS A 132 8.25 -13.68 -6.34
C CYS A 132 7.22 -12.68 -6.79
N GLY A 133 7.48 -12.04 -7.92
CA GLY A 133 6.55 -11.10 -8.48
C GLY A 133 6.67 -9.69 -7.97
N ARG A 134 7.52 -9.44 -7.00
CA ARG A 134 7.62 -8.09 -6.50
C ARG A 134 9.00 -7.76 -5.99
N ASP A 135 9.33 -6.47 -5.97
CA ASP A 135 10.63 -6.01 -5.52
C ASP A 135 10.78 -5.95 -4.02
N GLU A 136 10.46 -7.06 -3.36
CA GLU A 136 10.57 -7.16 -1.92
C GLU A 136 11.58 -8.28 -1.65
N TYR A 137 12.72 -7.91 -1.08
CA TYR A 137 13.77 -8.85 -0.76
C TYR A 137 13.71 -9.29 0.68
N LEU A 138 14.22 -10.48 0.98
CA LEU A 138 14.22 -10.95 2.36
C LEU A 138 15.71 -11.05 2.70
N VAL A 139 16.28 -9.96 3.22
CA VAL A 139 17.69 -9.96 3.54
C VAL A 139 17.99 -9.31 4.88
N GLY A 140 19.23 -9.48 5.32
CA GLY A 140 19.67 -8.90 6.59
C GLY A 140 19.52 -9.80 7.82
N GLU A 141 20.33 -9.56 8.85
CA GLU A 141 20.25 -10.37 10.05
C GLU A 141 18.87 -10.19 10.71
N THR A 142 17.89 -10.94 10.21
CA THR A 142 16.53 -10.83 10.71
C THR A 142 15.76 -12.14 10.60
N PRO A 143 15.15 -12.61 11.70
CA PRO A 143 14.39 -13.84 11.69
C PRO A 143 13.32 -13.77 10.62
N ILE A 144 13.20 -14.84 9.83
CA ILE A 144 12.22 -14.89 8.76
C ILE A 144 10.86 -14.48 9.29
N LYS A 145 10.66 -14.64 10.59
CA LYS A 145 9.37 -14.32 11.22
C LYS A 145 9.13 -12.82 11.38
N ASN A 146 10.18 -12.01 11.18
CA ASN A 146 10.05 -10.58 11.32
C ASN A 146 9.92 -9.79 10.04
N PHE A 147 9.85 -10.47 8.90
CA PHE A 147 9.71 -9.77 7.64
C PHE A 147 8.22 -9.54 7.39
N GLN A 148 7.84 -8.29 7.19
CA GLN A 148 6.44 -7.99 6.98
C GLN A 148 5.75 -8.95 6.02
N TRP A 149 6.40 -9.24 4.90
CA TRP A 149 5.77 -10.13 3.94
C TRP A 149 5.39 -11.49 4.51
N VAL A 150 6.21 -12.03 5.39
CA VAL A 150 5.92 -13.32 5.99
C VAL A 150 4.63 -13.18 6.79
N ARG A 151 4.62 -12.20 7.69
CA ARG A 151 3.46 -11.90 8.53
C ARG A 151 2.25 -11.72 7.64
N HIS A 152 2.43 -11.06 6.50
CA HIS A 152 1.36 -10.83 5.54
C HIS A 152 0.79 -12.16 5.06
N CYS A 153 1.69 -13.07 4.73
CA CYS A 153 1.31 -14.39 4.23
C CYS A 153 0.66 -15.20 5.33
N LEU A 154 1.34 -15.34 6.48
CA LEU A 154 0.77 -16.09 7.60
C LEU A 154 -0.63 -15.56 7.89
N LYS A 155 -0.72 -14.25 8.08
CA LYS A 155 -1.98 -13.59 8.35
C LYS A 155 -3.03 -13.98 7.32
N ASN A 156 -2.93 -13.45 6.10
CA ASN A 156 -3.90 -13.78 5.05
C ASN A 156 -3.94 -15.26 4.70
N GLY A 157 -3.05 -16.04 5.27
CA GLY A 157 -3.04 -17.46 4.99
C GLY A 157 -2.65 -17.83 3.56
N GLU A 158 -1.72 -17.09 2.99
CA GLU A 158 -1.24 -17.32 1.64
C GLU A 158 0.08 -18.08 1.76
N GLU A 159 0.54 -18.68 0.67
CA GLU A 159 1.81 -19.42 0.68
C GLU A 159 2.94 -18.45 0.43
N ILE A 160 4.14 -18.76 0.93
CA ILE A 160 5.29 -17.88 0.75
C ILE A 160 6.18 -18.35 -0.38
N HIS A 161 6.21 -17.63 -1.50
CA HIS A 161 7.07 -18.00 -2.62
C HIS A 161 8.19 -16.97 -2.78
N VAL A 162 9.43 -17.42 -2.69
CA VAL A 162 10.57 -16.52 -2.87
C VAL A 162 11.36 -17.03 -4.06
N VAL A 163 11.84 -16.10 -4.88
CA VAL A 163 12.63 -16.52 -6.03
C VAL A 163 14.08 -16.25 -5.74
N LEU A 164 14.88 -17.29 -5.90
CA LEU A 164 16.32 -17.20 -5.69
C LEU A 164 16.95 -16.48 -6.87
N ASP A 165 17.29 -15.21 -6.69
CA ASP A 165 17.92 -14.48 -7.79
C ASP A 165 19.03 -13.56 -7.31
N THR A 166 19.58 -12.78 -8.24
CA THR A 166 20.70 -11.91 -7.95
C THR A 166 20.40 -10.55 -7.31
N PRO A 167 21.18 -10.15 -6.29
CA PRO A 167 21.03 -8.88 -5.57
C PRO A 167 21.24 -7.67 -6.44
N PRO A 168 20.59 -6.54 -6.10
CA PRO A 168 20.70 -5.29 -6.85
C PRO A 168 22.11 -4.73 -6.71
N ASP A 169 22.55 -3.97 -7.70
CA ASP A 169 23.88 -3.39 -7.65
C ASP A 169 23.87 -2.05 -6.88
N PRO A 170 24.48 -2.01 -5.70
CA PRO A 170 24.53 -0.79 -4.91
C PRO A 170 25.10 0.37 -5.73
N ALA A 171 25.83 0.01 -6.78
CA ALA A 171 26.46 0.99 -7.67
C ALA A 171 25.40 1.74 -8.45
N LEU A 172 24.18 1.22 -8.44
CA LEU A 172 23.10 1.87 -9.13
C LEU A 172 22.52 2.96 -8.25
N ASP A 173 22.96 3.02 -7.00
CA ASP A 173 22.46 4.03 -6.08
C ASP A 173 23.48 5.13 -5.91
N GLU A 174 24.16 5.47 -7.00
CA GLU A 174 25.18 6.50 -6.98
C GLU A 174 24.54 7.87 -6.74
N VAL A 175 25.25 8.71 -6.00
CA VAL A 175 24.76 10.05 -5.69
C VAL A 175 25.77 11.06 -6.27
N ARG A 176 25.24 12.08 -6.96
CA ARG A 176 26.06 13.13 -7.59
C ARG A 176 26.92 13.84 -6.54
N LYS A 177 27.90 14.61 -6.97
CA LYS A 177 28.77 15.32 -6.03
C LYS A 177 28.11 16.58 -5.48
N GLU A 178 27.75 17.49 -6.37
CA GLU A 178 27.09 18.75 -6.00
C GLU A 178 26.81 19.62 -7.24
N SER A 210 20.85 43.88 18.59
CA SER A 210 21.41 44.28 17.30
C SER A 210 20.55 45.38 16.70
N LEU A 211 19.49 45.76 17.42
CA LEU A 211 18.54 46.80 16.98
C LEU A 211 18.84 48.19 17.55
N TRP A 212 18.27 49.23 16.95
CA TRP A 212 18.47 50.59 17.44
C TRP A 212 18.21 50.54 18.95
N ASP A 213 17.20 49.76 19.30
CA ASP A 213 16.77 49.57 20.67
C ASP A 213 15.74 48.42 20.69
N CYS A 214 16.01 47.39 21.46
CA CYS A 214 15.12 46.25 21.55
C CYS A 214 13.95 46.53 22.51
N ASP A 215 13.85 47.76 23.01
CA ASP A 215 12.78 48.13 23.95
C ASP A 215 11.70 48.95 23.26
N ARG A 216 11.93 49.30 22.00
CA ARG A 216 10.98 50.09 21.23
C ARG A 216 9.76 49.25 20.87
N LYS A 217 8.57 49.72 21.20
CA LYS A 217 7.37 48.96 20.86
C LYS A 217 7.29 48.75 19.36
N PHE A 218 7.22 47.51 18.92
CA PHE A 218 7.14 47.25 17.50
C PHE A 218 6.01 48.08 16.87
N ARG A 219 6.15 48.37 15.58
CA ARG A 219 5.16 49.14 14.86
C ARG A 219 5.27 48.89 13.35
N VAL A 220 4.16 49.02 12.64
CA VAL A 220 4.16 48.81 11.19
C VAL A 220 3.40 49.95 10.52
N LYS A 221 3.81 50.30 9.31
CA LYS A 221 3.13 51.37 8.58
C LYS A 221 2.34 50.77 7.42
N ILE A 222 1.03 50.96 7.45
CA ILE A 222 0.19 50.44 6.38
C ILE A 222 0.04 51.52 5.32
N ARG A 223 0.75 51.34 4.20
CA ARG A 223 0.70 52.29 3.08
C ARG A 223 -0.70 52.27 2.46
N GLY A 224 -1.08 51.14 1.88
CA GLY A 224 -2.40 51.03 1.30
C GLY A 224 -2.59 49.77 0.45
N ILE A 225 -3.83 49.32 0.32
CA ILE A 225 -4.09 48.14 -0.49
C ILE A 225 -4.16 48.52 -1.96
N ASP A 226 -4.57 47.57 -2.78
CA ASP A 226 -4.63 47.80 -4.21
C ASP A 226 -5.11 46.51 -4.88
N ILE A 227 -5.81 46.60 -6.01
CA ILE A 227 -6.29 45.40 -6.69
C ILE A 227 -6.76 45.68 -8.12
N PRO A 228 -6.33 44.87 -9.09
CA PRO A 228 -6.71 45.03 -10.50
C PRO A 228 -8.22 45.24 -10.73
N VAL A 229 -8.99 44.16 -10.60
CA VAL A 229 -10.44 44.21 -10.80
C VAL A 229 -11.17 44.19 -9.47
N LEU A 230 -12.47 43.88 -9.50
CA LEU A 230 -13.27 43.83 -8.28
C LEU A 230 -14.61 43.15 -8.55
N PRO A 231 -15.19 42.48 -7.54
CA PRO A 231 -16.48 41.79 -7.70
C PRO A 231 -17.50 42.55 -8.52
N LEU A 236 -19.28 47.16 0.14
CA LEU A 236 -19.26 47.85 1.42
C LEU A 236 -17.96 48.63 1.53
N THR A 237 -17.53 48.89 2.77
CA THR A 237 -16.29 49.61 3.01
C THR A 237 -15.24 48.60 3.47
N VAL A 238 -13.98 48.99 3.49
CA VAL A 238 -12.91 48.07 3.90
C VAL A 238 -11.76 48.69 4.72
N PHE A 239 -11.34 47.97 5.77
CA PHE A 239 -10.24 48.42 6.60
C PHE A 239 -9.17 47.31 6.66
N VAL A 240 -8.05 47.60 7.34
CA VAL A 240 -6.94 46.67 7.48
C VAL A 240 -6.76 46.24 8.92
N GLU A 241 -6.39 44.98 9.13
CA GLU A 241 -6.17 44.48 10.48
C GLU A 241 -4.78 43.87 10.58
N ALA A 242 -3.95 44.41 11.48
CA ALA A 242 -2.57 43.94 11.68
C ALA A 242 -2.41 43.32 13.05
N ASN A 243 -2.03 42.04 13.08
CA ASN A 243 -1.87 41.31 14.32
C ASN A 243 -0.49 40.74 14.50
N ILE A 244 0.02 40.81 15.72
CA ILE A 244 1.32 40.24 16.04
C ILE A 244 0.96 38.84 16.53
N GLN A 245 1.33 37.82 15.77
CA GLN A 245 1.00 36.46 16.16
C GLN A 245 2.12 35.48 16.32
N HIS A 246 1.82 34.44 17.09
CA HIS A 246 2.75 33.37 17.36
C HIS A 246 1.96 32.07 17.20
N GLY A 247 1.66 31.72 15.97
CA GLY A 247 0.89 30.53 15.72
C GLY A 247 -0.55 31.00 15.62
N GLN A 248 -1.48 30.18 16.09
CA GLN A 248 -2.89 30.54 16.07
C GLN A 248 -3.15 31.55 17.20
N GLN A 249 -2.11 31.81 17.98
CA GLN A 249 -2.18 32.73 19.11
C GLN A 249 -1.91 34.18 18.72
N VAL A 250 -2.92 35.03 18.92
CA VAL A 250 -2.77 36.45 18.59
C VAL A 250 -2.34 37.24 19.83
N LEU A 251 -1.25 37.98 19.70
CA LEU A 251 -0.76 38.79 20.82
C LEU A 251 -1.45 40.13 20.77
N CYS A 252 -0.84 41.08 20.07
CA CYS A 252 -1.39 42.40 19.95
C CYS A 252 -2.24 42.49 18.67
N GLN A 253 -2.96 43.59 18.50
CA GLN A 253 -3.81 43.77 17.34
C GLN A 253 -4.22 45.21 17.09
N ARG A 254 -3.98 45.68 15.87
CA ARG A 254 -4.33 47.04 15.48
C ARG A 254 -5.15 47.05 14.19
N ARG A 255 -5.90 48.13 13.99
CA ARG A 255 -6.75 48.33 12.80
C ARG A 255 -6.53 49.71 12.20
N THR A 256 -7.21 49.99 11.10
CA THR A 256 -7.10 51.28 10.43
C THR A 256 -8.48 51.85 10.13
N SER A 257 -8.54 53.15 9.88
CA SER A 257 -9.79 53.85 9.58
C SER A 257 -10.50 53.30 8.34
N PRO A 258 -11.77 52.89 8.50
CA PRO A 258 -12.58 52.35 7.39
C PRO A 258 -12.64 53.29 6.20
N LYS A 259 -12.61 52.73 5.00
CA LYS A 259 -12.63 53.56 3.82
C LYS A 259 -13.31 52.86 2.65
N PRO A 260 -13.87 53.64 1.72
CA PRO A 260 -14.55 53.06 0.55
C PRO A 260 -13.63 52.11 -0.18
N PHE A 261 -14.09 50.87 -0.36
CA PHE A 261 -13.31 49.85 -1.04
C PHE A 261 -13.11 50.17 -2.52
N THR A 262 -12.28 51.17 -2.79
CA THR A 262 -11.98 51.58 -4.14
C THR A 262 -11.11 50.51 -4.81
N GLU A 263 -10.22 50.96 -5.69
CA GLU A 263 -9.31 50.06 -6.40
C GLU A 263 -7.91 50.15 -5.80
N GLU A 264 -7.67 51.19 -5.01
CA GLU A 264 -6.36 51.38 -4.39
C GLU A 264 -6.43 52.21 -3.12
N VAL A 265 -7.27 51.77 -2.17
CA VAL A 265 -7.43 52.48 -0.90
C VAL A 265 -6.10 52.72 -0.21
N LEU A 266 -5.92 53.93 0.32
CA LEU A 266 -4.68 54.25 1.02
C LEU A 266 -4.94 54.74 2.43
N TRP A 267 -3.92 54.61 3.26
CA TRP A 267 -4.00 54.98 4.66
C TRP A 267 -2.72 55.72 5.08
N ASN A 268 -1.59 55.10 4.79
CA ASN A 268 -0.26 55.64 5.12
C ASN A 268 -0.20 55.97 6.59
N VAL A 269 -0.76 55.07 7.40
CA VAL A 269 -0.81 55.24 8.85
C VAL A 269 0.12 54.28 9.59
N TRP A 270 0.63 54.72 10.73
CA TRP A 270 1.50 53.88 11.56
C TRP A 270 0.64 53.13 12.59
N LEU A 271 0.88 51.83 12.72
CA LEU A 271 0.14 51.04 13.70
C LEU A 271 1.15 50.47 14.67
N GLU A 272 1.32 51.16 15.78
CA GLU A 272 2.25 50.75 16.82
C GLU A 272 1.54 49.80 17.76
N PHE A 273 2.18 48.67 18.04
CA PHE A 273 1.61 47.67 18.92
C PHE A 273 2.21 47.76 20.31
N SER A 274 1.52 47.18 21.28
CA SER A 274 1.99 47.20 22.65
C SER A 274 3.21 46.30 22.92
N ILE A 275 3.55 45.44 21.97
CA ILE A 275 4.70 44.55 22.17
C ILE A 275 6.04 45.21 21.87
N LYS A 276 7.07 44.91 22.66
CA LYS A 276 8.37 45.52 22.40
C LYS A 276 9.20 44.63 21.48
N ILE A 277 10.11 45.22 20.72
CA ILE A 277 10.95 44.44 19.80
C ILE A 277 11.46 43.17 20.47
N LYS A 278 12.03 43.29 21.66
CA LYS A 278 12.57 42.14 22.36
C LYS A 278 11.49 41.16 22.83
N ASP A 279 10.27 41.64 23.00
CA ASP A 279 9.18 40.78 23.43
C ASP A 279 8.56 39.96 22.31
N LEU A 280 8.97 40.22 21.07
CA LEU A 280 8.44 39.45 19.94
C LEU A 280 8.99 38.03 20.04
N PRO A 281 8.11 37.03 20.02
CA PRO A 281 8.48 35.61 20.11
C PRO A 281 9.08 35.08 18.83
N LYS A 282 10.04 34.17 18.98
CA LYS A 282 10.68 33.54 17.84
C LYS A 282 9.55 33.02 16.94
N GLY A 283 9.61 33.31 15.65
CA GLY A 283 8.57 32.83 14.76
C GLY A 283 7.35 33.71 14.71
N ALA A 284 7.40 34.83 15.43
CA ALA A 284 6.31 35.79 15.46
C ALA A 284 5.91 36.18 14.06
N LEU A 285 4.62 36.42 13.90
CA LEU A 285 4.05 36.79 12.62
C LEU A 285 3.35 38.13 12.56
N LEU A 286 3.41 38.75 11.39
CA LEU A 286 2.69 39.99 11.19
C LEU A 286 1.54 39.56 10.30
N ASN A 287 0.36 39.44 10.89
CA ASN A 287 -0.84 39.04 10.19
C ASN A 287 -1.62 40.25 9.70
N LEU A 288 -1.78 40.41 8.38
CA LEU A 288 -2.52 41.54 7.82
C LEU A 288 -3.77 41.02 7.13
N GLN A 289 -4.94 41.39 7.60
CA GLN A 289 -6.16 40.92 6.97
C GLN A 289 -7.07 42.06 6.51
N ILE A 290 -7.74 41.85 5.38
CA ILE A 290 -8.67 42.81 4.82
C ILE A 290 -10.12 42.43 5.11
N TYR A 291 -10.80 43.32 5.83
CA TYR A 291 -12.20 43.14 6.23
C TYR A 291 -13.12 44.08 5.49
N CYS A 292 -14.26 43.54 5.06
CA CYS A 292 -15.27 44.28 4.31
C CYS A 292 -16.63 44.32 5.01
N LYS A 314 -21.83 43.62 10.80
CA LYS A 314 -21.00 42.44 10.69
C LYS A 314 -20.03 42.53 9.52
N VAL A 315 -18.74 42.63 9.83
CA VAL A 315 -17.70 42.72 8.81
C VAL A 315 -17.27 41.36 8.32
N ARG A 316 -16.79 41.29 7.08
CA ARG A 316 -16.36 40.04 6.47
C ARG A 316 -14.91 40.03 5.95
N LEU A 317 -14.21 38.94 6.24
CA LEU A 317 -12.83 38.76 5.83
C LEU A 317 -12.77 38.40 4.35
N LEU A 318 -11.92 39.09 3.61
CA LEU A 318 -11.82 38.83 2.19
C LEU A 318 -10.42 38.41 1.79
N TYR A 319 -9.43 39.11 2.33
CA TYR A 319 -8.04 38.82 2.01
C TYR A 319 -7.17 38.69 3.26
N TYR A 320 -5.96 38.16 3.09
CA TYR A 320 -5.02 37.97 4.18
C TYR A 320 -3.66 37.53 3.66
N VAL A 321 -2.61 37.98 4.35
CA VAL A 321 -1.22 37.64 4.02
C VAL A 321 -0.41 37.72 5.34
N ASN A 322 0.68 36.95 5.42
CA ASN A 322 1.52 36.92 6.62
C ASN A 322 2.97 37.29 6.40
N LEU A 323 3.61 37.85 7.43
CA LEU A 323 5.01 38.22 7.29
C LEU A 323 5.75 37.86 8.55
N LEU A 324 6.86 37.14 8.41
CA LEU A 324 7.64 36.75 9.57
C LEU A 324 8.34 37.97 10.16
N LEU A 325 8.02 38.28 11.40
CA LEU A 325 8.65 39.41 12.06
C LEU A 325 10.08 39.08 12.40
N ILE A 326 10.29 37.86 12.88
CA ILE A 326 11.64 37.41 13.24
C ILE A 326 12.07 36.37 12.22
N ASP A 327 12.96 36.75 11.31
CA ASP A 327 13.43 35.84 10.28
C ASP A 327 14.14 34.63 10.87
N HIS A 328 14.43 33.65 10.02
CA HIS A 328 15.08 32.43 10.49
C HIS A 328 16.34 32.66 11.29
N ARG A 329 17.15 33.63 10.86
CA ARG A 329 18.38 33.90 11.58
C ARG A 329 18.15 34.82 12.77
N PHE A 330 16.97 34.69 13.38
CA PHE A 330 16.57 35.48 14.55
C PHE A 330 16.74 36.99 14.43
N LEU A 331 16.43 37.54 13.25
CA LEU A 331 16.57 38.99 12.99
C LEU A 331 15.25 39.67 12.65
N LEU A 332 14.89 40.71 13.40
CA LEU A 332 13.65 41.42 13.15
C LEU A 332 13.59 41.89 11.71
N ARG A 333 12.45 41.67 11.08
CA ARG A 333 12.26 42.06 9.69
C ARG A 333 12.22 43.59 9.61
N ARG A 334 12.71 44.14 8.51
CA ARG A 334 12.70 45.60 8.36
C ARG A 334 12.67 46.03 6.89
N GLY A 335 12.08 47.20 6.63
CA GLY A 335 12.02 47.70 5.26
C GLY A 335 10.63 47.89 4.71
N GLU A 336 10.57 48.07 3.39
CA GLU A 336 9.33 48.26 2.65
C GLU A 336 8.94 46.91 2.09
N TYR A 337 7.64 46.60 2.13
CA TYR A 337 7.12 45.34 1.64
C TYR A 337 5.85 45.49 0.86
N VAL A 338 5.72 44.70 -0.19
CA VAL A 338 4.54 44.69 -1.03
C VAL A 338 4.13 43.24 -1.10
N LEU A 339 3.19 42.86 -0.23
CA LEU A 339 2.75 41.49 -0.12
C LEU A 339 1.47 41.12 -0.86
N HIS A 340 1.58 40.28 -1.87
CA HIS A 340 0.36 39.86 -2.56
C HIS A 340 -0.45 38.92 -1.67
N MET A 341 -1.61 39.41 -1.24
CA MET A 341 -2.49 38.67 -0.34
C MET A 341 -3.22 37.46 -0.89
N TRP A 342 -3.79 36.68 0.04
CA TRP A 342 -4.55 35.48 -0.30
C TRP A 342 -6.03 35.84 -0.18
N GLN A 343 -6.84 35.17 -1.00
CA GLN A 343 -8.28 35.42 -1.02
C GLN A 343 -9.12 34.29 -0.40
N ILE A 344 -10.03 34.67 0.49
CA ILE A 344 -10.90 33.70 1.12
C ILE A 344 -11.59 32.84 0.04
N SER A 345 -11.85 31.57 0.37
CA SER A 345 -12.50 30.66 -0.57
C SER A 345 -13.91 31.15 -0.91
N ASN A 355 -7.22 26.63 10.66
CA ASN A 355 -6.65 26.25 9.37
C ASN A 355 -5.17 26.66 9.25
N ALA A 356 -4.37 25.82 8.58
CA ALA A 356 -2.92 26.07 8.41
C ALA A 356 -2.58 27.00 7.26
N ASP A 357 -3.41 26.96 6.23
CA ASP A 357 -3.18 27.80 5.07
C ASP A 357 -3.28 29.26 5.49
N LYS A 358 -4.06 29.50 6.53
CA LYS A 358 -4.26 30.84 7.04
C LYS A 358 -3.06 31.31 7.84
N LEU A 359 -2.03 30.47 7.92
CA LEU A 359 -0.83 30.80 8.69
C LEU A 359 0.41 30.91 7.84
N THR A 360 0.32 30.43 6.61
CA THR A 360 1.47 30.44 5.71
C THR A 360 2.15 31.79 5.61
N SER A 361 3.47 31.74 5.54
CA SER A 361 4.26 32.95 5.43
C SER A 361 4.56 33.22 3.96
N ALA A 362 4.10 32.33 3.08
CA ALA A 362 4.31 32.50 1.65
C ALA A 362 3.29 33.48 1.13
N THR A 363 3.68 34.19 0.09
CA THR A 363 2.80 35.15 -0.53
C THR A 363 2.14 34.51 -1.73
N ASN A 364 1.12 35.19 -2.23
CA ASN A 364 0.37 34.71 -3.38
C ASN A 364 1.16 34.75 -4.68
N PRO A 365 1.37 33.58 -5.31
CA PRO A 365 2.12 33.44 -6.56
C PRO A 365 1.52 34.29 -7.66
N ASP A 366 0.22 34.49 -7.56
CA ASP A 366 -0.51 35.27 -8.54
C ASP A 366 -0.31 36.76 -8.33
N LYS A 367 0.78 37.29 -8.91
CA LYS A 367 1.09 38.71 -8.79
C LYS A 367 0.22 39.59 -9.67
N GLU A 368 -0.18 39.02 -10.81
CA GLU A 368 -1.01 39.72 -11.79
C GLU A 368 -2.35 40.20 -11.27
N ASN A 369 -3.16 39.29 -10.74
CA ASN A 369 -4.49 39.68 -10.29
C ASN A 369 -4.80 39.41 -8.82
N SER A 370 -4.06 40.03 -7.91
CA SER A 370 -4.31 39.79 -6.49
C SER A 370 -4.23 41.04 -5.64
N MET A 371 -4.99 41.04 -4.56
CA MET A 371 -4.99 42.17 -3.65
C MET A 371 -3.58 42.34 -3.08
N SER A 372 -2.99 43.53 -3.21
CA SER A 372 -1.65 43.76 -2.66
C SER A 372 -1.65 44.78 -1.56
N ILE A 373 -1.26 44.40 -0.36
CA ILE A 373 -1.21 45.37 0.72
C ILE A 373 0.23 45.83 0.80
N SER A 374 0.42 47.04 1.31
CA SER A 374 1.74 47.62 1.42
C SER A 374 2.07 48.06 2.84
N ILE A 375 3.22 47.60 3.31
CA ILE A 375 3.66 47.92 4.66
C ILE A 375 5.09 48.47 4.66
N LEU A 376 5.51 48.94 5.83
CA LEU A 376 6.85 49.49 6.04
C LEU A 376 7.29 49.33 7.50
N LEU A 377 8.35 48.55 7.67
CA LEU A 377 8.92 48.30 8.99
C LEU A 377 10.21 49.08 9.13
N ASP A 378 10.38 49.77 10.26
CA ASP A 378 11.57 50.56 10.51
C ASP A 378 12.86 49.80 10.23
N ASN A 379 13.91 50.51 9.83
CA ASN A 379 15.18 49.88 9.55
C ASN A 379 16.18 50.30 10.62
N TYR A 380 17.40 49.78 10.56
CA TYR A 380 18.41 50.11 11.55
C TYR A 380 19.81 50.14 10.95
N CYS A 381 20.84 50.43 11.75
CA CYS A 381 22.21 50.48 11.24
C CYS A 381 22.87 49.10 11.10
N HIS A 382 23.41 48.82 9.91
CA HIS A 382 24.07 47.55 9.65
C HIS A 382 25.46 47.75 9.07
N PRO A 383 26.51 47.44 9.84
CA PRO A 383 27.86 47.63 9.29
C PRO A 383 28.03 46.65 8.13
N ILE A 384 29.27 46.41 7.70
CA ILE A 384 29.49 45.48 6.61
C ILE A 384 30.68 44.56 6.88
N SER A 477 5.23 0.91 23.48
CA SER A 477 6.02 2.04 22.98
C SER A 477 5.90 2.15 21.45
N ALA A 478 4.69 1.98 20.95
CA ALA A 478 4.45 2.07 19.51
C ALA A 478 3.30 3.04 19.22
N LEU A 479 2.14 2.70 19.75
CA LEU A 479 0.95 3.55 19.61
C LEU A 479 1.03 4.65 20.66
N ASP A 480 2.11 4.58 21.44
CA ASP A 480 2.40 5.52 22.52
C ASP A 480 3.12 6.74 21.95
N VAL A 481 4.20 6.48 21.21
CA VAL A 481 5.01 7.51 20.57
C VAL A 481 4.13 8.37 19.64
N GLY A 482 3.15 7.74 19.00
CA GLY A 482 2.26 8.47 18.12
C GLY A 482 1.57 9.62 18.86
N LEU A 483 1.37 9.50 20.16
CA LEU A 483 0.71 10.55 20.93
C LEU A 483 1.56 11.81 20.96
N THR A 484 2.84 11.67 20.66
CA THR A 484 3.73 12.80 20.64
C THR A 484 3.34 13.73 19.49
N MET A 485 2.67 13.18 18.48
CA MET A 485 2.27 14.00 17.35
C MET A 485 1.33 15.13 17.74
N GLN A 486 0.85 15.09 18.98
CA GLN A 486 -0.04 16.10 19.50
C GLN A 486 0.71 17.41 19.64
N LEU A 487 2.01 17.31 19.85
CA LEU A 487 2.86 18.48 20.00
C LEU A 487 3.32 19.02 18.67
N LEU A 488 2.86 18.41 17.58
CA LEU A 488 3.30 18.86 16.28
C LEU A 488 2.21 19.49 15.42
N ASP A 489 1.12 19.93 16.03
CA ASP A 489 0.04 20.57 15.27
C ASP A 489 0.07 22.08 15.47
N CYS A 490 -1.11 22.71 15.42
CA CYS A 490 -1.23 24.17 15.56
C CYS A 490 -1.21 24.62 17.01
N ASN A 491 -1.62 23.72 17.89
CA ASN A 491 -1.68 23.99 19.32
C ASN A 491 -0.30 24.33 19.85
N PHE A 492 0.75 23.72 19.30
CA PHE A 492 2.08 24.04 19.81
C PHE A 492 2.96 24.60 18.74
N SER A 493 3.45 25.81 18.98
CA SER A 493 4.29 26.50 17.99
C SER A 493 5.69 26.75 18.53
N ASP A 494 5.85 26.60 19.84
CA ASP A 494 7.12 26.81 20.47
C ASP A 494 8.17 25.87 19.87
N GLU A 495 9.06 26.43 19.04
CA GLU A 495 10.09 25.65 18.37
C GLU A 495 10.63 24.58 19.29
N ASN A 496 11.03 24.98 20.50
CA ASN A 496 11.57 24.03 21.45
C ASN A 496 10.63 22.86 21.66
N VAL A 497 9.41 23.14 22.09
CA VAL A 497 8.46 22.07 22.30
C VAL A 497 8.41 21.18 21.06
N ARG A 498 8.27 21.77 19.87
CA ARG A 498 8.22 20.95 18.68
C ARG A 498 9.47 20.06 18.54
N ALA A 499 10.66 20.63 18.76
CA ALA A 499 11.89 19.85 18.67
C ALA A 499 11.84 18.56 19.52
N ILE A 500 11.64 18.74 20.83
CA ILE A 500 11.51 17.62 21.75
C ILE A 500 10.62 16.57 21.10
N ALA A 501 9.52 17.00 20.51
CA ALA A 501 8.61 16.05 19.89
C ALA A 501 9.27 15.25 18.78
N VAL A 502 9.88 15.93 17.80
CA VAL A 502 10.52 15.25 16.68
C VAL A 502 11.56 14.30 17.23
N GLN A 503 12.33 14.76 18.22
CA GLN A 503 13.36 13.93 18.83
C GLN A 503 12.72 12.63 19.25
N LYS A 504 11.64 12.75 20.03
CA LYS A 504 10.94 11.59 20.52
C LYS A 504 10.48 10.73 19.35
N LEU A 505 10.27 11.30 18.17
CA LEU A 505 9.81 10.50 17.03
C LEU A 505 10.93 9.68 16.40
N GLU A 506 12.18 10.07 16.64
CA GLU A 506 13.32 9.38 16.05
C GLU A 506 13.39 7.93 16.50
N SER A 507 12.85 7.66 17.68
CA SER A 507 12.86 6.31 18.22
C SER A 507 11.87 5.39 17.51
N LEU A 508 11.11 5.90 16.54
CA LEU A 508 10.16 5.08 15.78
C LEU A 508 10.90 4.26 14.73
N GLU A 509 10.33 3.13 14.31
CA GLU A 509 10.97 2.31 13.28
C GLU A 509 10.38 2.65 11.90
N ASP A 510 11.15 2.38 10.84
CA ASP A 510 10.70 2.69 9.48
C ASP A 510 9.27 2.26 9.25
N ASP A 511 8.87 1.16 9.87
CA ASP A 511 7.52 0.66 9.68
C ASP A 511 6.46 1.59 10.27
N ASP A 512 6.78 2.20 11.42
CA ASP A 512 5.88 3.11 12.11
C ASP A 512 5.84 4.49 11.44
N VAL A 513 7.00 4.95 10.98
CA VAL A 513 7.06 6.23 10.30
C VAL A 513 6.20 6.15 9.05
N LEU A 514 6.18 4.97 8.43
CA LEU A 514 5.40 4.74 7.22
C LEU A 514 3.93 4.98 7.51
N HIS A 515 3.53 4.66 8.73
CA HIS A 515 2.15 4.80 9.20
C HIS A 515 1.77 6.22 9.54
N TYR A 516 2.73 7.08 9.82
CA TYR A 516 2.38 8.44 10.17
C TYR A 516 2.95 9.40 9.17
N LEU A 517 3.66 8.89 8.16
CA LEU A 517 4.27 9.72 7.15
C LEU A 517 3.38 10.84 6.63
N LEU A 518 2.11 10.55 6.43
CA LEU A 518 1.17 11.54 5.92
C LEU A 518 0.86 12.61 6.96
N GLN A 519 0.49 12.17 8.17
CA GLN A 519 0.19 13.13 9.23
C GLN A 519 1.40 14.06 9.42
N LEU A 520 2.58 13.45 9.53
CA LEU A 520 3.82 14.18 9.73
C LEU A 520 4.06 15.20 8.62
N VAL A 521 3.93 14.78 7.37
CA VAL A 521 4.13 15.67 6.24
C VAL A 521 3.22 16.88 6.47
N GLN A 522 1.91 16.64 6.55
CA GLN A 522 0.99 17.75 6.78
C GLN A 522 1.44 18.60 7.98
N ALA A 523 1.94 17.98 9.03
CA ALA A 523 2.35 18.75 10.20
C ALA A 523 3.43 19.81 9.89
N VAL A 524 4.11 19.68 8.77
CA VAL A 524 5.14 20.63 8.41
C VAL A 524 4.57 22.01 8.12
N LYS A 525 3.31 22.07 7.72
CA LYS A 525 2.69 23.35 7.44
C LYS A 525 2.63 24.22 8.65
N PHE A 526 2.53 23.59 9.81
CA PHE A 526 2.45 24.33 11.06
C PHE A 526 3.80 24.80 11.56
N GLU A 527 4.84 24.73 10.73
CA GLU A 527 6.15 25.18 11.20
C GLU A 527 6.43 26.65 10.81
N PRO A 528 6.95 27.45 11.75
CA PRO A 528 7.26 28.85 11.46
C PRO A 528 8.29 28.97 10.30
N TYR A 529 9.37 28.21 10.37
CA TYR A 529 10.34 28.32 9.30
C TYR A 529 10.39 27.06 8.44
N HIS A 530 10.98 27.18 7.25
CA HIS A 530 11.10 26.06 6.32
C HIS A 530 12.01 24.99 6.87
N ASP A 531 13.20 25.38 7.29
CA ASP A 531 14.10 24.40 7.84
C ASP A 531 13.68 24.17 9.31
N SER A 532 13.41 22.90 9.63
CA SER A 532 12.99 22.51 10.96
C SER A 532 13.41 21.09 11.20
N ALA A 533 13.32 20.68 12.46
CA ALA A 533 13.65 19.33 12.82
C ALA A 533 12.64 18.45 12.13
N LEU A 534 11.38 18.86 12.19
CA LEU A 534 10.34 18.07 11.56
C LEU A 534 10.65 17.80 10.11
N ALA A 535 11.17 18.78 9.37
CA ALA A 535 11.47 18.50 7.96
C ALA A 535 12.71 17.64 7.86
N ARG A 536 13.67 17.88 8.73
CA ARG A 536 14.89 17.11 8.67
C ARG A 536 14.60 15.67 9.03
N PHE A 537 13.64 15.45 9.92
CA PHE A 537 13.31 14.10 10.30
C PHE A 537 12.77 13.37 9.07
N LEU A 538 11.89 14.04 8.32
CA LEU A 538 11.33 13.45 7.14
C LEU A 538 12.43 13.25 6.09
N LEU A 539 13.27 14.25 5.90
CA LEU A 539 14.32 14.14 4.92
C LEU A 539 15.17 12.94 5.27
N LYS A 540 15.63 12.88 6.50
CA LYS A 540 16.49 11.77 6.85
C LYS A 540 15.80 10.42 6.76
N ARG A 541 14.64 10.28 7.36
CA ARG A 541 13.95 9.01 7.32
C ARG A 541 13.62 8.55 5.91
N GLY A 542 13.63 9.49 4.96
CA GLY A 542 13.37 9.18 3.57
C GLY A 542 14.65 8.76 2.87
N LEU A 543 15.75 9.44 3.16
CA LEU A 543 17.04 9.10 2.54
C LEU A 543 17.56 7.79 3.12
N ARG A 544 17.05 7.42 4.28
CA ARG A 544 17.48 6.21 4.96
C ARG A 544 16.79 4.94 4.50
N ASN A 545 15.58 5.07 3.97
CA ASN A 545 14.83 3.89 3.56
C ASN A 545 14.13 4.12 2.21
N LYS A 546 14.35 3.22 1.26
CA LYS A 546 13.74 3.42 -0.04
C LYS A 546 12.24 3.36 -0.05
N ARG A 547 11.64 2.66 0.89
CA ARG A 547 10.17 2.60 0.85
C ARG A 547 9.55 3.84 1.42
N ILE A 548 10.23 4.44 2.39
CA ILE A 548 9.70 5.66 2.97
C ILE A 548 9.94 6.75 1.92
N GLY A 549 11.16 6.76 1.39
CA GLY A 549 11.53 7.73 0.37
C GLY A 549 10.50 7.79 -0.73
N HIS A 550 10.01 6.62 -1.16
CA HIS A 550 8.99 6.51 -2.20
C HIS A 550 7.75 7.30 -1.84
N PHE A 551 7.16 6.96 -0.71
CA PHE A 551 5.97 7.66 -0.31
C PHE A 551 6.21 9.10 0.09
N LEU A 552 7.40 9.43 0.57
CA LEU A 552 7.68 10.83 0.90
C LEU A 552 7.65 11.64 -0.36
N PHE A 553 8.08 11.01 -1.45
CA PHE A 553 8.11 11.66 -2.75
C PHE A 553 6.71 12.05 -3.14
N TRP A 554 5.85 11.06 -3.37
CA TRP A 554 4.51 11.37 -3.80
C TRP A 554 3.72 12.24 -2.86
N PHE A 555 3.95 12.12 -1.56
CA PHE A 555 3.22 12.96 -0.62
C PHE A 555 3.60 14.43 -0.82
N LEU A 556 4.90 14.66 -1.03
CA LEU A 556 5.38 16.00 -1.26
C LEU A 556 5.03 16.47 -2.67
N ARG A 557 5.29 15.64 -3.65
CA ARG A 557 4.98 16.02 -5.01
C ARG A 557 3.50 16.31 -5.17
N SER A 558 2.70 15.72 -4.28
CA SER A 558 1.26 15.91 -4.33
C SER A 558 0.89 17.27 -3.75
N GLU A 559 1.42 17.56 -2.57
CA GLU A 559 1.15 18.84 -1.93
C GLU A 559 1.60 19.99 -2.82
N ILE A 560 2.75 19.80 -3.45
CA ILE A 560 3.32 20.81 -4.34
C ILE A 560 2.41 20.98 -5.54
N ALA A 561 1.76 19.91 -5.96
CA ALA A 561 0.92 19.99 -7.11
C ALA A 561 -0.46 20.56 -6.84
N GLN A 562 -0.75 20.92 -5.60
CA GLN A 562 -2.08 21.46 -5.37
C GLN A 562 -2.21 22.40 -4.22
N SER A 563 -1.11 22.87 -3.67
CA SER A 563 -1.17 23.79 -2.54
C SER A 563 -0.11 24.85 -2.71
N ARG A 564 -0.50 25.96 -3.33
CA ARG A 564 0.44 27.04 -3.55
C ARG A 564 0.81 27.72 -2.23
N HIS A 565 -0.01 27.53 -1.20
CA HIS A 565 0.30 28.09 0.10
C HIS A 565 1.56 27.44 0.66
N TYR A 566 1.87 26.23 0.21
CA TYR A 566 3.06 25.55 0.69
C TYR A 566 3.91 24.87 -0.39
N GLN A 567 3.58 25.10 -1.65
CA GLN A 567 4.35 24.51 -2.74
C GLN A 567 5.85 24.84 -2.60
N GLN A 568 6.17 26.09 -2.32
CA GLN A 568 7.56 26.50 -2.18
C GLN A 568 8.37 25.70 -1.15
N ARG A 569 7.82 25.59 0.05
CA ARG A 569 8.47 24.88 1.14
C ARG A 569 8.62 23.39 0.85
N PHE A 570 7.52 22.69 0.60
CA PHE A 570 7.61 21.27 0.32
C PHE A 570 8.58 20.98 -0.82
N ALA A 571 8.69 21.93 -1.76
CA ALA A 571 9.59 21.80 -2.90
C ALA A 571 11.06 21.78 -2.49
N VAL A 572 11.45 22.72 -1.62
CA VAL A 572 12.82 22.80 -1.14
C VAL A 572 13.16 21.50 -0.42
N ILE A 573 12.19 20.97 0.33
CA ILE A 573 12.36 19.72 1.06
C ILE A 573 12.48 18.56 0.05
N LEU A 574 11.53 18.46 -0.87
CA LEU A 574 11.55 17.40 -1.87
C LEU A 574 12.86 17.39 -2.65
N GLU A 575 13.40 18.57 -2.97
CA GLU A 575 14.64 18.59 -3.73
C GLU A 575 15.78 18.06 -2.87
N ALA A 576 15.71 18.37 -1.56
CA ALA A 576 16.72 17.91 -0.62
C ALA A 576 16.81 16.39 -0.64
N TYR A 577 15.65 15.75 -0.78
CA TYR A 577 15.57 14.30 -0.83
C TYR A 577 16.14 13.76 -2.15
N LEU A 578 15.61 14.25 -3.25
CA LEU A 578 16.04 13.82 -4.57
C LEU A 578 17.56 13.89 -4.77
N ARG A 579 18.17 14.94 -4.22
CA ARG A 579 19.61 15.14 -4.33
C ARG A 579 20.41 14.10 -3.57
N GLY A 580 19.74 13.11 -2.98
CA GLY A 580 20.49 12.13 -2.24
C GLY A 580 19.84 10.76 -2.13
N CYS A 581 18.90 10.45 -3.02
CA CYS A 581 18.26 9.16 -2.95
C CYS A 581 18.86 8.17 -3.92
N GLY A 582 19.92 8.58 -4.62
CA GLY A 582 20.56 7.70 -5.59
C GLY A 582 20.05 7.93 -6.99
N THR A 583 20.82 7.50 -7.98
CA THR A 583 20.45 7.71 -9.39
C THR A 583 19.35 6.78 -9.83
N ALA A 584 19.43 5.55 -9.35
CA ALA A 584 18.43 4.54 -9.67
C ALA A 584 17.10 5.12 -9.27
N MET A 585 16.96 5.48 -8.00
CA MET A 585 15.70 6.05 -7.52
C MET A 585 15.16 7.18 -8.37
N LEU A 586 16.03 8.08 -8.79
CA LEU A 586 15.61 9.22 -9.60
C LEU A 586 15.00 8.70 -10.89
N HIS A 587 15.68 7.75 -11.52
CA HIS A 587 15.16 7.17 -12.75
C HIS A 587 13.76 6.63 -12.52
N ASP A 588 13.60 5.72 -11.55
CA ASP A 588 12.28 5.16 -11.28
C ASP A 588 11.27 6.25 -11.05
N PHE A 589 11.65 7.27 -10.29
CA PHE A 589 10.72 8.36 -10.05
C PHE A 589 10.34 8.97 -11.38
N THR A 590 11.35 9.25 -12.19
CA THR A 590 11.11 9.86 -13.49
C THR A 590 10.16 9.06 -14.40
N GLN A 591 10.29 7.73 -14.42
CA GLN A 591 9.41 6.92 -15.26
C GLN A 591 7.98 7.01 -14.76
N GLN A 592 7.82 6.98 -13.45
CA GLN A 592 6.50 7.06 -12.88
C GLN A 592 5.86 8.37 -13.27
N VAL A 593 6.62 9.46 -13.13
CA VAL A 593 6.12 10.79 -13.45
C VAL A 593 5.64 10.85 -14.89
N GLN A 594 6.42 10.30 -15.80
CA GLN A 594 6.05 10.29 -17.22
C GLN A 594 4.68 9.68 -17.41
N VAL A 595 4.46 8.53 -16.77
CA VAL A 595 3.19 7.83 -16.87
C VAL A 595 2.08 8.63 -16.22
N ILE A 596 2.10 8.78 -14.91
CA ILE A 596 1.00 9.51 -14.30
C ILE A 596 0.78 10.85 -14.98
N GLU A 597 1.80 11.36 -15.68
CA GLU A 597 1.68 12.65 -16.36
C GLU A 597 1.16 12.40 -17.77
N MET A 598 1.35 11.18 -18.23
CA MET A 598 0.92 10.75 -19.55
C MET A 598 -0.57 10.42 -19.51
N LEU A 599 -0.91 9.40 -18.72
CA LEU A 599 -2.31 9.00 -18.58
C LEU A 599 -3.13 10.18 -18.11
N GLN A 600 -2.49 11.12 -17.42
CA GLN A 600 -3.19 12.30 -16.96
C GLN A 600 -3.76 13.02 -18.18
N LYS A 601 -2.91 13.23 -19.19
CA LYS A 601 -3.31 13.89 -20.43
C LYS A 601 -4.52 13.16 -21.02
N VAL A 602 -4.36 11.87 -21.27
CA VAL A 602 -5.41 11.03 -21.82
C VAL A 602 -6.73 11.19 -21.06
N THR A 603 -6.66 11.26 -19.74
CA THR A 603 -7.87 11.41 -18.94
C THR A 603 -8.60 12.69 -19.28
N LEU A 604 -7.85 13.76 -19.51
CA LEU A 604 -8.45 15.04 -19.87
C LEU A 604 -8.83 15.09 -21.34
N ASP A 605 -8.10 14.32 -22.16
CA ASP A 605 -8.36 14.25 -23.59
C ASP A 605 -9.61 13.41 -23.86
N ILE A 606 -9.94 12.56 -22.91
CA ILE A 606 -11.11 11.69 -23.05
C ILE A 606 -12.28 12.19 -22.22
N LYS A 607 -11.98 12.91 -21.14
CA LYS A 607 -13.03 13.44 -20.29
C LYS A 607 -13.61 14.68 -20.95
N SER A 608 -12.86 15.27 -21.87
CA SER A 608 -13.32 16.46 -22.59
C SER A 608 -14.23 16.01 -23.73
N LEU A 609 -14.29 14.69 -23.96
CA LEU A 609 -15.13 14.11 -24.99
C LEU A 609 -16.45 13.64 -24.36
N SER A 610 -16.80 14.24 -23.21
CA SER A 610 -18.03 13.90 -22.49
C SER A 610 -18.81 15.16 -22.11
N SER A 618 -20.28 3.26 -27.26
CA SER A 618 -19.85 4.65 -27.39
C SER A 618 -18.56 4.74 -28.20
N GLN A 619 -18.44 5.75 -29.05
CA GLN A 619 -17.22 5.92 -29.87
C GLN A 619 -16.05 6.35 -28.98
N VAL A 620 -16.35 6.98 -27.86
CA VAL A 620 -15.30 7.42 -26.93
C VAL A 620 -14.59 6.18 -26.43
N ILE A 621 -15.33 5.08 -26.33
CA ILE A 621 -14.80 3.81 -25.88
C ILE A 621 -13.63 3.43 -26.79
N SER A 622 -13.70 3.87 -28.04
CA SER A 622 -12.65 3.58 -29.00
C SER A 622 -11.57 4.66 -28.88
N GLN A 623 -12.01 5.89 -28.60
CA GLN A 623 -11.08 7.01 -28.44
C GLN A 623 -10.03 6.67 -27.37
N LEU A 624 -10.47 5.92 -26.36
CA LEU A 624 -9.60 5.53 -25.27
C LEU A 624 -8.55 4.55 -25.80
N LYS A 625 -9.01 3.52 -26.50
CA LYS A 625 -8.09 2.54 -27.07
C LYS A 625 -7.10 3.22 -28.02
N GLN A 626 -7.62 4.07 -28.89
CA GLN A 626 -6.77 4.80 -29.84
C GLN A 626 -5.66 5.49 -29.07
N LYS A 627 -6.05 6.47 -28.26
CA LYS A 627 -5.11 7.25 -27.46
C LYS A 627 -4.13 6.37 -26.68
N LEU A 628 -4.60 5.22 -26.22
CA LEU A 628 -3.73 4.31 -25.48
C LEU A 628 -2.65 3.79 -26.39
N GLU A 629 -2.99 3.61 -27.67
CA GLU A 629 -2.03 3.10 -28.64
C GLU A 629 -0.93 4.13 -28.90
N ASN A 630 -1.34 5.40 -29.03
CA ASN A 630 -0.39 6.49 -29.26
C ASN A 630 0.71 6.42 -28.21
N LEU A 631 0.28 6.23 -26.96
CA LEU A 631 1.18 6.12 -25.83
C LEU A 631 1.90 4.78 -25.97
N GLN A 632 1.11 3.74 -26.18
CA GLN A 632 1.59 2.37 -26.33
C GLN A 632 2.76 2.25 -27.29
N ASN A 633 2.83 3.16 -28.26
CA ASN A 633 3.90 3.14 -29.26
C ASN A 633 5.01 4.14 -28.97
N SER A 634 6.14 3.63 -28.50
CA SER A 634 7.31 4.44 -28.17
C SER A 634 6.95 5.79 -27.55
N GLN A 635 6.66 5.77 -26.25
CA GLN A 635 6.30 6.98 -25.51
C GLN A 635 6.05 6.65 -24.04
N LEU A 636 5.39 5.51 -23.82
CA LEU A 636 5.08 5.06 -22.48
C LEU A 636 6.15 4.03 -22.11
N PRO A 637 6.73 4.16 -20.90
CA PRO A 637 7.77 3.26 -20.40
C PRO A 637 7.47 1.78 -20.61
N GLU A 638 8.53 0.98 -20.82
CA GLU A 638 8.37 -0.46 -21.02
C GLU A 638 7.79 -1.08 -19.74
N SER A 639 7.89 -0.32 -18.64
CA SER A 639 7.41 -0.77 -17.34
C SER A 639 7.73 0.26 -16.28
N PHE A 640 6.86 0.39 -15.29
CA PHE A 640 7.09 1.35 -14.21
C PHE A 640 6.70 0.77 -12.87
N ARG A 641 7.11 1.46 -11.81
CA ARG A 641 6.83 1.05 -10.44
C ARG A 641 5.51 1.66 -9.98
N VAL A 642 4.49 0.84 -9.77
CA VAL A 642 3.18 1.33 -9.33
C VAL A 642 3.25 2.32 -8.15
N PRO A 643 2.84 3.58 -8.36
CA PRO A 643 2.88 4.58 -7.28
C PRO A 643 2.35 4.17 -5.91
N TYR A 644 1.14 3.64 -5.85
CA TYR A 644 0.59 3.26 -4.54
C TYR A 644 1.26 2.02 -3.96
N ASP A 645 2.10 1.36 -4.76
CA ASP A 645 2.80 0.15 -4.35
C ASP A 645 4.20 0.02 -4.95
N PRO A 646 5.22 0.54 -4.25
CA PRO A 646 6.61 0.51 -4.68
C PRO A 646 7.13 -0.88 -5.05
N GLY A 647 6.46 -1.92 -4.55
CA GLY A 647 6.90 -3.27 -4.82
C GLY A 647 6.40 -3.86 -6.12
N LEU A 648 5.40 -3.21 -6.70
CA LEU A 648 4.77 -3.64 -7.94
C LEU A 648 5.23 -2.92 -9.19
N LYS A 649 5.77 -3.69 -10.14
CA LYS A 649 6.24 -3.17 -11.42
C LYS A 649 5.24 -3.49 -12.52
N ALA A 650 4.50 -2.49 -12.96
CA ALA A 650 3.53 -2.69 -14.01
C ALA A 650 4.25 -2.54 -15.34
N GLY A 651 4.12 -3.53 -16.21
CA GLY A 651 4.79 -3.43 -17.48
C GLY A 651 3.84 -3.05 -18.58
N ALA A 652 3.71 -3.96 -19.54
CA ALA A 652 2.84 -3.81 -20.70
C ALA A 652 1.43 -3.37 -20.29
N LEU A 653 0.75 -2.67 -21.20
CA LEU A 653 -0.58 -2.19 -20.95
C LEU A 653 -1.56 -3.01 -21.77
N ALA A 654 -2.49 -3.69 -21.10
CA ALA A 654 -3.49 -4.53 -21.78
C ALA A 654 -4.69 -3.67 -22.19
N ILE A 655 -4.51 -2.88 -23.26
CA ILE A 655 -5.54 -1.96 -23.76
C ILE A 655 -6.92 -2.58 -23.89
N GLU A 656 -6.94 -3.86 -24.23
CA GLU A 656 -8.20 -4.58 -24.40
C GLU A 656 -9.09 -4.43 -23.16
N LYS A 657 -8.52 -4.69 -21.99
CA LYS A 657 -9.25 -4.62 -20.73
C LYS A 657 -9.46 -3.21 -20.22
N CYS A 658 -8.79 -2.25 -20.85
CA CYS A 658 -8.91 -0.86 -20.44
C CYS A 658 -10.22 -0.28 -20.89
N LYS A 659 -10.85 0.47 -19.99
CA LYS A 659 -12.13 1.10 -20.27
C LYS A 659 -12.32 2.44 -19.54
N VAL A 660 -13.54 2.93 -19.51
CA VAL A 660 -13.81 4.19 -18.85
C VAL A 660 -15.02 4.12 -17.95
N MET A 661 -14.80 3.71 -16.71
CA MET A 661 -15.89 3.62 -15.75
C MET A 661 -16.76 4.87 -15.83
N ALA A 662 -18.07 4.67 -15.82
CA ALA A 662 -19.03 5.77 -15.89
C ALA A 662 -19.49 6.18 -14.50
N SER A 663 -19.21 7.43 -14.12
CA SER A 663 -19.60 7.95 -12.83
C SER A 663 -19.60 9.47 -12.91
N LYS A 664 -19.80 10.12 -11.77
CA LYS A 664 -19.80 11.58 -11.72
C LYS A 664 -18.60 12.02 -12.55
N LYS A 665 -17.41 11.63 -12.09
CA LYS A 665 -16.19 11.96 -12.81
C LYS A 665 -16.07 10.85 -13.84
N LYS A 666 -15.00 10.86 -14.63
CA LYS A 666 -14.81 9.83 -15.64
C LYS A 666 -13.51 9.08 -15.35
N PRO A 667 -13.53 8.18 -14.37
CA PRO A 667 -12.32 7.42 -14.01
C PRO A 667 -11.86 6.50 -15.13
N LEU A 668 -10.57 6.22 -15.17
CA LEU A 668 -10.04 5.33 -16.20
C LEU A 668 -9.68 3.98 -15.61
N TRP A 669 -10.23 2.92 -16.20
CA TRP A 669 -9.94 1.56 -15.77
C TRP A 669 -8.80 1.04 -16.65
N LEU A 670 -7.60 0.97 -16.07
CA LEU A 670 -6.45 0.48 -16.82
C LEU A 670 -5.89 -0.81 -16.22
N GLU A 671 -5.49 -1.73 -17.11
CA GLU A 671 -4.89 -3.01 -16.74
C GLU A 671 -3.47 -3.03 -17.29
N PHE A 672 -2.54 -3.54 -16.49
CA PHE A 672 -1.14 -3.60 -16.91
C PHE A 672 -0.57 -4.99 -16.68
N LYS A 673 0.02 -5.59 -17.70
CA LYS A 673 0.62 -6.90 -17.54
C LYS A 673 1.80 -6.74 -16.60
N CYS A 674 1.88 -7.59 -15.57
CA CYS A 674 2.98 -7.46 -14.63
C CYS A 674 4.29 -7.49 -15.40
N ALA A 675 5.26 -6.71 -14.96
CA ALA A 675 6.54 -6.69 -15.65
C ALA A 675 7.51 -7.69 -15.04
N ASP A 676 7.08 -8.38 -13.98
CA ASP A 676 7.92 -9.36 -13.30
C ASP A 676 7.72 -10.78 -13.84
N PRO A 677 8.78 -11.39 -14.38
CA PRO A 677 8.71 -12.75 -14.92
C PRO A 677 8.45 -13.79 -13.83
N THR A 678 9.05 -13.58 -12.67
CA THR A 678 8.91 -14.49 -11.54
C THR A 678 7.49 -14.48 -11.01
N ALA A 679 6.72 -13.48 -11.43
CA ALA A 679 5.32 -13.33 -11.03
C ALA A 679 4.60 -14.67 -11.08
N LEU A 680 4.15 -15.16 -9.94
CA LEU A 680 3.47 -16.46 -9.89
C LEU A 680 2.07 -16.48 -10.51
N SER A 681 1.82 -15.64 -11.50
CA SER A 681 0.48 -15.59 -12.11
C SER A 681 0.40 -14.72 -13.36
N ASN A 682 -0.61 -14.99 -14.19
CA ASN A 682 -0.82 -14.24 -15.42
C ASN A 682 -1.77 -13.07 -15.20
N GLU A 683 -2.20 -12.87 -13.95
CA GLU A 683 -3.11 -11.79 -13.66
C GLU A 683 -2.48 -10.46 -14.06
N THR A 684 -3.32 -9.46 -14.28
CA THR A 684 -2.83 -8.14 -14.65
C THR A 684 -3.00 -7.19 -13.46
N ILE A 685 -2.27 -6.07 -13.52
CA ILE A 685 -2.31 -5.04 -12.48
C ILE A 685 -3.42 -4.03 -12.80
N GLY A 686 -4.35 -3.85 -11.87
CA GLY A 686 -5.45 -2.92 -12.12
C GLY A 686 -5.31 -1.64 -11.34
N ILE A 687 -5.29 -0.53 -12.05
CA ILE A 687 -5.16 0.78 -11.45
C ILE A 687 -6.25 1.66 -12.02
N ILE A 688 -6.95 2.39 -11.15
CA ILE A 688 -7.99 3.29 -11.60
C ILE A 688 -7.41 4.69 -11.57
N PHE A 689 -7.19 5.27 -12.74
CA PHE A 689 -6.64 6.64 -12.79
C PHE A 689 -7.83 7.56 -12.80
N LYS A 690 -8.13 8.22 -11.68
CA LYS A 690 -9.29 9.09 -11.63
C LYS A 690 -8.96 10.56 -11.46
N HIS A 691 -9.72 11.43 -12.16
CA HIS A 691 -9.56 12.88 -12.12
C HIS A 691 -10.84 13.52 -11.61
N GLY A 692 -10.72 14.62 -10.88
CA GLY A 692 -11.91 15.27 -10.35
C GLY A 692 -11.95 15.21 -8.83
N ASP A 693 -12.06 14.01 -8.28
CA ASP A 693 -12.10 13.85 -6.82
C ASP A 693 -10.69 14.02 -6.24
N ASP A 694 -10.62 14.62 -5.05
CA ASP A 694 -9.34 14.84 -4.37
C ASP A 694 -9.02 13.65 -3.48
N LEU A 695 -8.15 12.79 -3.99
CA LEU A 695 -7.76 11.58 -3.29
C LEU A 695 -7.11 11.83 -1.95
N ARG A 696 -6.96 13.09 -1.58
CA ARG A 696 -6.38 13.45 -0.29
C ARG A 696 -7.27 12.83 0.80
N GLN A 697 -8.58 12.88 0.59
CA GLN A 697 -9.52 12.32 1.54
C GLN A 697 -9.22 10.85 1.79
N ASP A 698 -9.48 10.02 0.78
CA ASP A 698 -9.25 8.58 0.87
C ASP A 698 -7.96 8.24 1.63
N MET A 699 -6.87 8.86 1.22
CA MET A 699 -5.59 8.62 1.83
C MET A 699 -5.63 8.73 3.36
N LEU A 700 -6.40 9.71 3.85
CA LEU A 700 -6.51 9.93 5.28
C LEU A 700 -7.34 8.86 5.95
N ILE A 701 -8.43 8.44 5.30
CA ILE A 701 -9.31 7.42 5.86
C ILE A 701 -8.60 6.08 5.88
N LEU A 702 -7.76 5.86 4.87
CA LEU A 702 -7.00 4.62 4.78
C LEU A 702 -5.88 4.67 5.81
N GLN A 703 -5.17 5.80 5.88
CA GLN A 703 -4.06 5.97 6.82
C GLN A 703 -4.49 5.67 8.25
N ILE A 704 -5.70 6.09 8.61
CA ILE A 704 -6.24 5.84 9.94
C ILE A 704 -6.61 4.35 10.07
N LEU A 705 -7.35 3.88 9.09
CA LEU A 705 -7.80 2.50 9.03
C LEU A 705 -6.67 1.54 9.35
N ARG A 706 -5.48 1.82 8.85
CA ARG A 706 -4.32 0.98 9.10
C ARG A 706 -3.84 1.13 10.54
N ILE A 707 -3.95 2.33 11.09
CA ILE A 707 -3.55 2.56 12.47
C ILE A 707 -4.53 1.87 13.40
N MET A 708 -5.67 1.45 12.86
CA MET A 708 -6.67 0.76 13.64
C MET A 708 -6.32 -0.72 13.68
N GLU A 709 -6.00 -1.30 12.53
CA GLU A 709 -5.66 -2.71 12.52
C GLU A 709 -4.48 -2.96 13.43
N SER A 710 -3.62 -1.95 13.62
CA SER A 710 -2.48 -2.14 14.50
C SER A 710 -2.98 -1.98 15.94
N ILE A 711 -3.93 -1.08 16.14
CA ILE A 711 -4.47 -0.90 17.48
C ILE A 711 -5.07 -2.26 17.89
N TRP A 712 -5.74 -2.93 16.96
CA TRP A 712 -6.36 -4.22 17.23
C TRP A 712 -5.35 -5.35 17.32
N GLU A 713 -4.25 -5.21 16.57
CA GLU A 713 -3.20 -6.21 16.56
C GLU A 713 -2.54 -6.30 17.92
N THR A 714 -2.46 -5.16 18.61
CA THR A 714 -1.85 -5.15 19.93
C THR A 714 -2.84 -5.76 20.91
N GLU A 715 -3.92 -6.32 20.38
CA GLU A 715 -4.91 -6.95 21.23
C GLU A 715 -5.36 -8.27 20.61
N SER A 716 -4.47 -8.84 19.80
CA SER A 716 -4.72 -10.09 19.12
C SER A 716 -6.01 -10.12 18.31
N LEU A 717 -6.38 -8.99 17.71
CA LEU A 717 -7.60 -8.93 16.90
C LEU A 717 -7.29 -8.70 15.43
N ASP A 718 -7.90 -9.49 14.57
CA ASP A 718 -7.71 -9.36 13.13
C ASP A 718 -9.07 -9.12 12.47
N LEU A 719 -9.51 -7.87 12.44
CA LEU A 719 -10.79 -7.55 11.86
C LEU A 719 -10.78 -7.61 10.34
N CYS A 720 -9.67 -8.06 9.77
CA CYS A 720 -9.65 -8.20 8.32
C CYS A 720 -10.03 -6.99 7.48
N LEU A 721 -9.42 -5.83 7.76
CA LEU A 721 -9.65 -4.62 6.99
C LEU A 721 -8.91 -4.79 5.68
N LEU A 722 -9.34 -4.08 4.63
CA LEU A 722 -8.66 -4.17 3.35
C LEU A 722 -8.34 -2.76 2.84
N PRO A 723 -7.34 -2.09 3.43
CA PRO A 723 -6.94 -0.74 3.05
C PRO A 723 -6.27 -0.76 1.71
N TYR A 724 -7.06 -0.85 0.66
CA TYR A 724 -6.51 -0.88 -0.66
C TYR A 724 -5.55 0.28 -0.96
N GLY A 725 -4.86 0.20 -2.09
CA GLY A 725 -3.94 1.24 -2.45
C GLY A 725 -4.59 2.49 -3.03
N CYS A 726 -4.01 3.64 -2.69
CA CYS A 726 -4.48 4.92 -3.18
C CYS A 726 -3.42 5.98 -2.90
N ILE A 727 -3.02 6.69 -3.92
CA ILE A 727 -2.03 7.71 -3.71
C ILE A 727 -2.43 8.89 -4.60
N SER A 728 -2.34 10.10 -4.08
CA SER A 728 -2.68 11.28 -4.87
C SER A 728 -1.45 11.69 -5.68
N THR A 729 -1.56 11.74 -7.00
CA THR A 729 -0.42 12.08 -7.84
C THR A 729 -0.37 13.54 -8.28
N GLY A 730 -1.40 14.31 -7.91
CA GLY A 730 -1.42 15.70 -8.28
C GLY A 730 -2.66 16.39 -7.76
N ASP A 731 -3.15 17.38 -8.50
CA ASP A 731 -4.34 18.09 -8.06
C ASP A 731 -5.58 17.36 -8.54
N LYS A 732 -6.45 16.99 -7.61
CA LYS A 732 -7.67 16.31 -7.97
C LYS A 732 -7.43 15.12 -8.92
N ILE A 733 -6.19 14.62 -8.94
CA ILE A 733 -5.79 13.48 -9.76
C ILE A 733 -5.08 12.48 -8.84
N GLY A 734 -4.98 11.24 -9.29
CA GLY A 734 -4.33 10.21 -8.52
C GLY A 734 -4.82 8.84 -8.96
N MET A 735 -4.37 7.80 -8.28
CA MET A 735 -4.79 6.45 -8.62
C MET A 735 -5.16 5.60 -7.43
N ILE A 736 -6.04 4.66 -7.68
CA ILE A 736 -6.53 3.76 -6.67
C ILE A 736 -6.37 2.34 -7.14
N GLU A 737 -5.74 1.52 -6.32
CA GLU A 737 -5.52 0.12 -6.63
C GLU A 737 -6.84 -0.59 -6.94
N ILE A 738 -6.77 -1.65 -7.72
CA ILE A 738 -7.96 -2.42 -8.06
C ILE A 738 -7.81 -3.78 -7.35
N VAL A 739 -8.84 -4.19 -6.60
CA VAL A 739 -8.82 -5.46 -5.89
C VAL A 739 -9.46 -6.56 -6.74
N LYS A 740 -8.65 -7.44 -7.29
CA LYS A 740 -9.20 -8.50 -8.15
C LYS A 740 -10.12 -9.44 -7.40
N ASP A 741 -10.90 -10.20 -8.15
CA ASP A 741 -11.83 -11.16 -7.56
C ASP A 741 -12.63 -10.47 -6.48
N ALA A 742 -13.22 -9.34 -6.85
CA ALA A 742 -14.02 -8.54 -5.93
C ALA A 742 -15.00 -7.67 -6.66
N THR A 743 -16.24 -7.65 -6.17
CA THR A 743 -17.27 -6.84 -6.80
C THR A 743 -18.05 -6.10 -5.72
N THR A 744 -18.90 -5.17 -6.14
CA THR A 744 -19.69 -4.40 -5.20
C THR A 744 -20.97 -5.13 -4.78
N ILE A 745 -21.43 -4.86 -3.57
CA ILE A 745 -22.65 -5.50 -3.08
C ILE A 745 -23.80 -5.21 -4.07
N ALA A 746 -23.84 -3.96 -4.54
CA ALA A 746 -24.84 -3.49 -5.47
C ALA A 746 -24.91 -4.39 -6.70
N LYS A 747 -23.78 -4.55 -7.37
CA LYS A 747 -23.70 -5.40 -8.56
C LYS A 747 -24.27 -6.80 -8.30
N ILE A 748 -24.01 -7.36 -7.11
CA ILE A 748 -24.48 -8.69 -6.76
C ILE A 748 -26.01 -8.72 -6.68
N GLN A 749 -26.59 -7.68 -6.09
CA GLN A 749 -28.03 -7.57 -5.95
C GLN A 749 -28.64 -7.27 -7.30
N GLN A 750 -27.83 -6.70 -8.16
CA GLN A 750 -28.24 -6.33 -9.50
C GLN A 750 -28.25 -7.56 -10.41
N SER A 751 -27.65 -8.66 -9.94
CA SER A 751 -27.59 -9.90 -10.72
C SER A 751 -28.65 -10.89 -10.26
N THR A 752 -29.80 -10.36 -9.86
CA THR A 752 -30.92 -11.15 -9.36
C THR A 752 -32.20 -10.34 -9.35
N PHE A 759 -32.14 -9.61 -5.46
CA PHE A 759 -33.55 -9.42 -5.13
C PHE A 759 -33.94 -9.98 -3.77
N LYS A 760 -33.51 -11.20 -3.46
CA LYS A 760 -33.86 -11.80 -2.16
C LYS A 760 -32.78 -11.64 -1.10
N ASP A 761 -33.18 -11.47 0.17
CA ASP A 761 -32.24 -11.28 1.26
C ASP A 761 -31.18 -12.36 1.34
N GLU A 762 -31.24 -13.33 0.44
CA GLU A 762 -30.27 -14.40 0.46
C GLU A 762 -29.19 -14.20 -0.58
N VAL A 763 -29.44 -13.30 -1.54
CA VAL A 763 -28.49 -13.07 -2.62
C VAL A 763 -27.01 -13.14 -2.22
N LEU A 764 -26.55 -12.15 -1.48
CA LEU A 764 -25.15 -12.06 -1.04
C LEU A 764 -24.62 -13.37 -0.52
N ASN A 765 -25.42 -14.08 0.28
CA ASN A 765 -24.96 -15.36 0.82
C ASN A 765 -24.82 -16.38 -0.29
N HIS A 766 -25.72 -16.33 -1.26
CA HIS A 766 -25.66 -17.26 -2.38
C HIS A 766 -24.34 -17.05 -3.16
N TRP A 767 -24.16 -15.83 -3.67
CA TRP A 767 -22.97 -15.44 -4.42
C TRP A 767 -21.72 -16.01 -3.77
N LEU A 768 -21.60 -15.83 -2.45
CA LEU A 768 -20.45 -16.36 -1.75
C LEU A 768 -20.24 -17.86 -2.02
N LYS A 769 -21.14 -18.69 -1.51
CA LYS A 769 -21.05 -20.14 -1.71
C LYS A 769 -20.83 -20.45 -3.19
N GLU A 770 -21.47 -19.68 -4.05
CA GLU A 770 -21.33 -19.87 -5.48
C GLU A 770 -19.88 -19.64 -5.95
N LYS A 771 -19.12 -18.85 -5.21
CA LYS A 771 -17.73 -18.56 -5.55
C LYS A 771 -16.79 -19.49 -4.79
N SER A 772 -17.16 -19.87 -3.57
CA SER A 772 -16.34 -20.76 -2.77
C SER A 772 -16.40 -22.19 -3.32
N PRO A 773 -15.25 -22.77 -3.69
CA PRO A 773 -15.13 -24.13 -4.23
C PRO A 773 -15.65 -25.19 -3.28
N THR A 774 -14.78 -25.64 -2.37
CA THR A 774 -15.18 -26.64 -1.40
C THR A 774 -16.04 -26.04 -0.29
N GLU A 775 -16.82 -26.89 0.37
CA GLU A 775 -17.69 -26.44 1.46
C GLU A 775 -16.86 -25.84 2.58
N GLU A 776 -15.66 -26.38 2.78
CA GLU A 776 -14.78 -25.88 3.82
C GLU A 776 -14.33 -24.49 3.44
N LYS A 777 -14.34 -24.21 2.14
CA LYS A 777 -13.93 -22.91 1.64
C LYS A 777 -15.01 -21.89 1.98
N PHE A 778 -16.27 -22.29 1.79
CA PHE A 778 -17.39 -21.40 2.09
C PHE A 778 -17.43 -21.02 3.57
N GLN A 779 -17.33 -22.01 4.44
CA GLN A 779 -17.38 -21.69 5.84
C GLN A 779 -16.28 -20.70 6.23
N ALA A 780 -15.30 -20.54 5.35
CA ALA A 780 -14.18 -19.62 5.57
C ALA A 780 -14.60 -18.19 5.27
N ALA A 781 -15.09 -18.01 4.05
CA ALA A 781 -15.54 -16.72 3.61
C ALA A 781 -16.55 -16.17 4.61
N VAL A 782 -17.34 -17.07 5.19
CA VAL A 782 -18.38 -16.69 6.16
C VAL A 782 -17.71 -16.14 7.41
N GLU A 783 -16.70 -16.85 7.88
CA GLU A 783 -15.94 -16.44 9.05
C GLU A 783 -15.28 -15.10 8.71
N ARG A 784 -14.64 -15.04 7.55
CA ARG A 784 -13.98 -13.83 7.12
C ARG A 784 -14.96 -12.71 6.95
N PHE A 785 -16.15 -13.03 6.45
CA PHE A 785 -17.15 -12.01 6.26
C PHE A 785 -17.48 -11.47 7.62
N VAL A 786 -17.77 -12.37 8.55
CA VAL A 786 -18.08 -11.94 9.91
C VAL A 786 -17.07 -10.93 10.43
N TYR A 787 -15.78 -11.27 10.41
CA TYR A 787 -14.75 -10.35 10.90
C TYR A 787 -14.63 -9.08 10.12
N SER A 788 -14.46 -9.17 8.81
CA SER A 788 -14.32 -7.98 7.99
C SER A 788 -15.51 -7.04 8.22
N CYS A 789 -16.71 -7.59 8.16
CA CYS A 789 -17.91 -6.78 8.37
C CYS A 789 -17.89 -6.13 9.74
N ALA A 790 -17.37 -6.80 10.76
CA ALA A 790 -17.33 -6.18 12.07
C ALA A 790 -16.27 -5.09 12.06
N GLY A 791 -15.16 -5.39 11.38
CA GLY A 791 -14.05 -4.46 11.29
C GLY A 791 -14.46 -3.15 10.68
N TYR A 792 -15.20 -3.23 9.58
CA TYR A 792 -15.65 -2.01 8.94
C TYR A 792 -16.79 -1.36 9.70
N CYS A 793 -17.71 -2.15 10.24
CA CYS A 793 -18.81 -1.53 11.00
C CYS A 793 -18.20 -0.65 12.08
N VAL A 794 -17.53 -1.27 13.04
CA VAL A 794 -16.91 -0.54 14.13
C VAL A 794 -16.13 0.66 13.62
N ALA A 795 -15.13 0.40 12.79
CA ALA A 795 -14.28 1.43 12.23
C ALA A 795 -15.00 2.60 11.55
N THR A 796 -15.97 2.26 10.70
CA THR A 796 -16.73 3.25 9.95
C THR A 796 -17.62 4.11 10.84
N PHE A 797 -18.02 3.52 11.96
CA PHE A 797 -18.87 4.18 12.94
C PHE A 797 -18.07 5.18 13.76
N VAL A 798 -16.89 4.77 14.21
CA VAL A 798 -16.04 5.65 14.99
C VAL A 798 -15.51 6.78 14.11
N LEU A 799 -15.49 6.58 12.80
CA LEU A 799 -15.01 7.63 11.91
C LEU A 799 -16.17 8.41 11.32
N GLY A 800 -17.38 8.01 11.66
CA GLY A 800 -18.54 8.70 11.15
C GLY A 800 -18.67 8.63 9.65
N ILE A 801 -18.79 7.41 9.13
CA ILE A 801 -18.95 7.20 7.69
C ILE A 801 -19.67 5.89 7.43
N GLY A 802 -20.37 5.39 8.45
CA GLY A 802 -21.11 4.15 8.35
C GLY A 802 -22.23 4.18 7.34
N ASP A 803 -23.07 5.21 7.39
CA ASP A 803 -24.21 5.38 6.50
C ASP A 803 -23.64 5.47 5.08
N ARG A 804 -23.74 4.37 4.34
CA ARG A 804 -23.20 4.32 2.97
C ARG A 804 -24.15 3.57 2.07
N HIS A 805 -23.80 3.53 0.79
CA HIS A 805 -24.61 2.85 -0.22
C HIS A 805 -23.97 1.53 -0.67
N ASN A 806 -24.80 0.53 -0.96
CA ASN A 806 -24.31 -0.77 -1.40
C ASN A 806 -23.29 -0.64 -2.51
N ASP A 807 -23.43 0.42 -3.30
CA ASP A 807 -22.53 0.68 -4.41
C ASP A 807 -21.09 1.06 -3.98
N ASN A 808 -20.94 1.54 -2.75
CA ASN A 808 -19.64 1.95 -2.23
C ASN A 808 -19.04 0.89 -1.32
N ILE A 809 -19.62 -0.30 -1.34
CA ILE A 809 -19.13 -1.40 -0.51
C ILE A 809 -18.83 -2.59 -1.41
N MET A 810 -17.66 -3.18 -1.20
CA MET A 810 -17.28 -4.31 -2.01
C MET A 810 -16.98 -5.50 -1.15
N ILE A 811 -16.95 -6.65 -1.79
CA ILE A 811 -16.67 -7.90 -1.12
C ILE A 811 -15.91 -8.79 -2.10
N THR A 812 -14.89 -9.45 -1.57
CA THR A 812 -14.04 -10.36 -2.32
C THR A 812 -14.65 -11.74 -2.35
N GLU A 813 -14.38 -12.49 -3.43
CA GLU A 813 -14.93 -13.84 -3.59
C GLU A 813 -14.62 -14.71 -2.41
N THR A 814 -13.71 -14.27 -1.55
CA THR A 814 -13.36 -15.05 -0.38
C THR A 814 -14.05 -14.50 0.88
N GLY A 815 -15.09 -13.70 0.67
CA GLY A 815 -15.85 -13.13 1.77
C GLY A 815 -15.20 -12.07 2.65
N ASN A 816 -14.45 -11.16 2.05
CA ASN A 816 -13.80 -10.09 2.79
C ASN A 816 -14.45 -8.77 2.39
N LEU A 817 -15.33 -8.30 3.26
CA LEU A 817 -16.03 -7.06 3.01
C LEU A 817 -15.07 -5.90 3.17
N PHE A 818 -15.35 -4.81 2.48
CA PHE A 818 -14.52 -3.64 2.60
C PHE A 818 -15.11 -2.44 1.84
N HIS A 819 -15.06 -1.26 2.48
CA HIS A 819 -15.59 -0.06 1.87
C HIS A 819 -14.60 0.59 0.92
N ILE A 820 -15.11 1.43 0.03
CA ILE A 820 -14.27 2.14 -0.93
C ILE A 820 -14.83 3.55 -1.15
N ASP A 821 -14.23 4.30 -2.07
CA ASP A 821 -14.66 5.67 -2.39
C ASP A 821 -15.06 6.47 -1.16
N PHE A 822 -14.07 7.04 -0.49
CA PHE A 822 -14.35 7.80 0.70
C PHE A 822 -14.54 9.29 0.43
N GLY A 823 -15.67 9.81 0.87
CA GLY A 823 -15.98 11.22 0.68
C GLY A 823 -16.97 11.74 1.70
N HIS A 824 -16.67 11.57 2.98
CA HIS A 824 -17.54 12.05 4.06
C HIS A 824 -16.76 12.16 5.38
N GLU A 838 -32.65 7.23 5.64
CA GLU A 838 -32.65 7.81 6.97
C GLU A 838 -31.32 7.57 7.70
N ARG A 839 -31.22 8.06 8.94
CA ARG A 839 -30.00 7.88 9.71
C ARG A 839 -29.84 6.43 10.14
N VAL A 840 -28.58 5.97 10.14
CA VAL A 840 -28.25 4.62 10.55
C VAL A 840 -26.74 4.56 10.89
N PRO A 841 -26.41 3.95 12.04
CA PRO A 841 -25.02 3.82 12.49
C PRO A 841 -24.02 3.38 11.43
N PHE A 842 -24.34 2.30 10.73
CA PHE A 842 -23.47 1.76 9.71
C PHE A 842 -24.27 0.87 8.80
N VAL A 843 -23.59 0.18 7.88
CA VAL A 843 -24.25 -0.70 6.94
C VAL A 843 -24.31 -2.16 7.40
N LEU A 844 -25.48 -2.60 7.85
CA LEU A 844 -25.68 -3.96 8.34
C LEU A 844 -27.02 -4.46 7.83
N THR A 845 -27.21 -4.32 6.51
CA THR A 845 -28.44 -4.72 5.82
C THR A 845 -28.81 -6.20 6.00
N PRO A 846 -30.04 -6.57 5.62
CA PRO A 846 -30.56 -7.93 5.72
C PRO A 846 -29.63 -8.96 5.11
N ASP A 847 -29.21 -8.71 3.87
CA ASP A 847 -28.30 -9.58 3.13
C ASP A 847 -27.04 -9.89 3.92
N PHE A 848 -26.51 -8.88 4.61
CA PHE A 848 -25.32 -9.09 5.45
C PHE A 848 -25.73 -10.01 6.59
N LEU A 849 -26.70 -9.56 7.38
CA LEU A 849 -27.21 -10.33 8.51
C LEU A 849 -27.57 -11.75 8.11
N PHE A 850 -28.10 -11.91 6.91
CA PHE A 850 -28.48 -13.22 6.41
C PHE A 850 -27.30 -14.18 6.42
N VAL A 851 -26.18 -13.73 5.84
CA VAL A 851 -24.95 -14.52 5.75
C VAL A 851 -24.48 -14.96 7.13
N MET A 852 -24.85 -14.22 8.16
CA MET A 852 -24.46 -14.55 9.53
C MET A 852 -25.46 -15.52 10.13
N GLY A 853 -26.40 -15.95 9.29
CA GLY A 853 -27.42 -16.90 9.72
C GLY A 853 -28.52 -16.32 10.57
N THR A 854 -28.96 -15.11 10.25
CA THR A 854 -30.02 -14.50 11.02
C THR A 854 -30.97 -13.78 10.10
N SER A 855 -32.14 -13.45 10.62
CA SER A 855 -33.15 -12.75 9.83
C SER A 855 -34.32 -12.34 10.71
N GLY A 856 -34.65 -11.05 10.69
CA GLY A 856 -35.77 -10.54 11.47
C GLY A 856 -35.35 -10.01 12.82
N LYS A 857 -35.58 -10.80 13.86
CA LYS A 857 -35.23 -10.40 15.21
C LYS A 857 -34.52 -11.55 15.91
N LYS A 858 -34.30 -12.64 15.20
CA LYS A 858 -33.64 -13.82 15.77
C LYS A 858 -32.14 -13.61 15.99
N THR A 859 -31.45 -14.65 16.44
CA THR A 859 -30.01 -14.58 16.69
C THR A 859 -29.31 -15.62 15.81
N SER A 860 -28.05 -15.94 16.15
CA SER A 860 -27.27 -16.91 15.40
C SER A 860 -25.88 -17.03 16.01
N PRO A 861 -25.30 -18.24 16.02
CA PRO A 861 -23.97 -18.46 16.57
C PRO A 861 -22.95 -17.52 15.94
N HIS A 862 -23.11 -17.32 14.63
CA HIS A 862 -22.23 -16.44 13.90
C HIS A 862 -22.55 -14.99 14.20
N PHE A 863 -23.83 -14.64 14.23
CA PHE A 863 -24.22 -13.27 14.54
C PHE A 863 -23.75 -12.93 15.95
N GLN A 864 -23.72 -13.92 16.83
CA GLN A 864 -23.27 -13.67 18.19
C GLN A 864 -21.78 -13.33 18.12
N LYS A 865 -21.03 -14.17 17.41
CA LYS A 865 -19.58 -14.00 17.20
C LYS A 865 -19.35 -12.57 16.72
N PHE A 866 -20.14 -12.16 15.75
CA PHE A 866 -20.08 -10.81 15.17
C PHE A 866 -20.15 -9.74 16.26
N GLN A 867 -21.17 -9.84 17.10
CA GLN A 867 -21.36 -8.88 18.18
C GLN A 867 -20.17 -8.87 19.12
N ASP A 868 -19.73 -10.07 19.50
CA ASP A 868 -18.60 -10.19 20.40
C ASP A 868 -17.39 -9.47 19.82
N ILE A 869 -17.05 -9.78 18.58
CA ILE A 869 -15.91 -9.15 17.93
C ILE A 869 -16.10 -7.64 17.91
N CYS A 870 -17.26 -7.19 17.42
CA CYS A 870 -17.57 -5.76 17.36
C CYS A 870 -17.18 -5.06 18.64
N VAL A 871 -17.79 -5.52 19.73
CA VAL A 871 -17.53 -4.95 21.04
C VAL A 871 -16.06 -5.01 21.40
N LYS A 872 -15.42 -6.13 21.11
CA LYS A 872 -14.01 -6.28 21.44
C LYS A 872 -13.16 -5.24 20.70
N ALA A 873 -13.37 -5.15 19.39
CA ALA A 873 -12.67 -4.22 18.54
C ALA A 873 -12.98 -2.79 18.97
N TYR A 874 -14.25 -2.50 19.17
CA TYR A 874 -14.70 -1.18 19.61
C TYR A 874 -13.97 -0.72 20.87
N LEU A 875 -13.89 -1.58 21.87
CA LEU A 875 -13.21 -1.20 23.09
C LEU A 875 -11.73 -1.01 22.84
N ALA A 876 -11.12 -1.85 21.99
CA ALA A 876 -9.69 -1.76 21.68
C ALA A 876 -9.35 -0.40 21.15
N LEU A 877 -10.28 0.19 20.42
CA LEU A 877 -10.07 1.49 19.84
C LEU A 877 -10.21 2.57 20.88
N ARG A 878 -11.10 2.36 21.85
CA ARG A 878 -11.33 3.33 22.91
C ARG A 878 -10.10 3.43 23.80
N HIS A 879 -9.29 2.37 23.83
CA HIS A 879 -8.08 2.32 24.64
C HIS A 879 -7.02 3.26 24.04
N HIS A 880 -7.38 3.84 22.90
CA HIS A 880 -6.50 4.75 22.17
C HIS A 880 -7.30 5.94 21.65
N THR A 881 -8.42 6.25 22.33
CA THR A 881 -9.31 7.36 21.94
C THR A 881 -8.53 8.64 21.71
N ASN A 882 -7.51 8.84 22.52
CA ASN A 882 -6.67 10.00 22.40
C ASN A 882 -5.96 9.98 21.05
N LEU A 883 -5.15 8.93 20.80
CA LEU A 883 -4.38 8.77 19.55
C LEU A 883 -5.25 8.98 18.33
N LEU A 884 -6.48 8.50 18.42
CA LEU A 884 -7.40 8.65 17.31
C LEU A 884 -7.89 10.07 17.15
N ILE A 885 -8.05 10.80 18.25
CA ILE A 885 -8.53 12.16 18.09
C ILE A 885 -7.42 13.07 17.61
N ILE A 886 -6.21 12.80 18.06
CA ILE A 886 -5.07 13.60 17.66
C ILE A 886 -4.81 13.38 16.16
N LEU A 887 -5.06 12.15 15.69
CA LEU A 887 -4.86 11.78 14.29
C LEU A 887 -5.94 12.32 13.38
N PHE A 888 -7.14 12.45 13.92
CA PHE A 888 -8.28 12.93 13.16
C PHE A 888 -8.26 14.43 13.05
N SER A 889 -8.08 15.09 14.19
CA SER A 889 -8.06 16.54 14.23
C SER A 889 -6.98 17.07 13.30
N MET A 890 -5.79 16.50 13.42
CA MET A 890 -4.62 16.88 12.62
C MET A 890 -5.04 16.98 11.16
N MET A 891 -5.91 16.09 10.74
CA MET A 891 -6.39 16.07 9.36
C MET A 891 -7.25 17.29 9.06
N LEU A 892 -8.35 17.41 9.79
CA LEU A 892 -9.27 18.54 9.61
C LEU A 892 -8.55 19.87 9.55
N MET A 893 -7.45 19.99 10.28
CA MET A 893 -6.66 21.21 10.29
C MET A 893 -6.05 21.51 8.91
N THR A 894 -6.07 20.51 8.04
CA THR A 894 -5.53 20.64 6.69
C THR A 894 -6.31 19.79 5.70
N ASP A 904 -17.14 19.50 12.69
CA ASP A 904 -16.67 19.48 14.08
C ASP A 904 -16.11 18.10 14.40
N ILE A 905 -14.88 18.07 14.92
CA ILE A 905 -14.20 16.82 15.27
C ILE A 905 -14.66 16.33 16.64
N GLU A 906 -15.71 16.99 17.15
CA GLU A 906 -16.27 16.67 18.46
C GLU A 906 -17.23 15.50 18.36
N TYR A 907 -17.41 14.97 17.16
CA TYR A 907 -18.30 13.83 16.93
C TYR A 907 -17.66 12.51 17.31
N ILE A 908 -16.42 12.32 16.86
CA ILE A 908 -15.66 11.10 17.12
C ILE A 908 -15.56 10.85 18.61
N ARG A 909 -15.56 11.94 19.38
CA ARG A 909 -15.47 11.82 20.84
C ARG A 909 -16.71 11.11 21.37
N ASP A 910 -17.84 11.34 20.72
CA ASP A 910 -19.08 10.70 21.14
C ASP A 910 -19.11 9.26 20.64
N ALA A 911 -18.74 9.07 19.39
CA ALA A 911 -18.71 7.73 18.79
C ALA A 911 -17.83 6.82 19.65
N LEU A 912 -16.82 7.41 20.26
CA LEU A 912 -15.90 6.65 21.11
C LEU A 912 -16.36 6.60 22.57
N THR A 913 -17.63 6.95 22.80
CA THR A 913 -18.22 6.93 24.15
C THR A 913 -17.30 7.44 25.24
N VAL A 914 -16.48 8.42 24.91
CA VAL A 914 -15.56 8.98 25.87
C VAL A 914 -16.26 9.29 27.17
N GLY A 915 -15.62 8.92 28.28
CA GLY A 915 -16.21 9.17 29.58
C GLY A 915 -16.85 7.92 30.14
N LYS A 916 -17.65 7.25 29.33
CA LYS A 916 -18.33 6.02 29.73
C LYS A 916 -17.36 4.86 29.90
N ASN A 917 -17.70 3.91 30.78
CA ASN A 917 -16.82 2.76 31.02
C ASN A 917 -17.05 1.63 30.02
N GLU A 918 -16.34 0.52 30.20
CA GLU A 918 -16.46 -0.62 29.30
C GLU A 918 -17.89 -1.16 29.22
N GLU A 919 -18.41 -1.58 30.37
CA GLU A 919 -19.76 -2.13 30.47
C GLU A 919 -20.83 -1.21 29.95
N ASP A 920 -20.52 0.07 29.83
CA ASP A 920 -21.50 1.00 29.32
C ASP A 920 -21.36 1.14 27.81
N ALA A 921 -20.13 1.37 27.36
CA ALA A 921 -19.85 1.51 25.94
C ALA A 921 -20.28 0.24 25.20
N LYS A 922 -20.00 -0.90 25.82
CA LYS A 922 -20.36 -2.20 25.26
C LYS A 922 -21.84 -2.24 24.85
N LYS A 923 -22.69 -1.67 25.70
CA LYS A 923 -24.13 -1.62 25.47
C LYS A 923 -24.46 -0.61 24.39
N TYR A 924 -23.67 0.45 24.35
CA TYR A 924 -23.86 1.52 23.36
C TYR A 924 -23.78 1.02 21.92
N PHE A 925 -22.76 0.19 21.67
CA PHE A 925 -22.55 -0.36 20.34
C PHE A 925 -23.67 -1.33 19.98
N LEU A 926 -23.86 -2.35 20.84
CA LEU A 926 -24.89 -3.36 20.66
C LEU A 926 -26.21 -2.71 20.23
N ASP A 927 -26.51 -1.58 20.87
CA ASP A 927 -27.72 -0.86 20.55
C ASP A 927 -27.66 -0.36 19.13
N GLN A 928 -26.52 0.19 18.73
CA GLN A 928 -26.35 0.70 17.36
C GLN A 928 -26.60 -0.39 16.32
N ILE A 929 -26.26 -1.63 16.68
CA ILE A 929 -26.45 -2.76 15.80
C ILE A 929 -27.95 -2.95 15.60
N GLU A 930 -28.68 -2.92 16.72
CA GLU A 930 -30.12 -3.08 16.68
C GLU A 930 -30.78 -2.06 15.80
N VAL A 931 -30.17 -0.89 15.71
CA VAL A 931 -30.72 0.14 14.87
C VAL A 931 -30.69 -0.31 13.41
N CYS A 932 -29.56 -0.87 12.98
CA CYS A 932 -29.42 -1.36 11.61
C CYS A 932 -30.29 -2.59 11.45
N ARG A 933 -30.40 -3.33 12.55
CA ARG A 933 -31.19 -4.56 12.60
C ARG A 933 -32.67 -4.30 12.44
N ASP A 934 -33.07 -3.03 12.43
CA ASP A 934 -34.47 -2.68 12.30
C ASP A 934 -34.75 -1.78 11.10
N LYS A 935 -33.72 -1.09 10.63
CA LYS A 935 -33.89 -0.21 9.48
C LYS A 935 -34.05 -1.01 8.19
N GLY A 936 -33.58 -2.25 8.19
CA GLY A 936 -33.70 -3.08 6.99
C GLY A 936 -33.13 -2.38 5.77
N TRP A 937 -33.93 -2.27 4.71
CA TRP A 937 -33.45 -1.60 3.49
C TRP A 937 -34.02 -0.17 3.38
N THR A 938 -34.29 0.43 4.53
CA THR A 938 -34.84 1.77 4.58
C THR A 938 -33.91 2.79 3.95
N VAL A 939 -32.71 2.88 4.49
CA VAL A 939 -31.73 3.84 4.02
C VAL A 939 -31.12 3.41 2.69
N GLN A 940 -31.06 2.11 2.44
CA GLN A 940 -30.47 1.65 1.19
C GLN A 940 -31.35 1.98 -0.02
N PHE A 941 -32.67 1.86 0.13
CA PHE A 941 -33.60 2.14 -0.96
C PHE A 941 -34.67 3.21 -0.57
N MET B 1 -0.54 -22.76 -27.08
CA MET B 1 0.29 -23.18 -25.92
C MET B 1 -0.60 -23.58 -24.73
N THR B 2 -1.31 -24.69 -24.89
CA THR B 2 -2.18 -25.21 -23.84
C THR B 2 -1.33 -25.58 -22.63
N GLU B 3 -1.85 -25.35 -21.43
CA GLU B 3 -1.11 -25.68 -20.22
C GLU B 3 -1.79 -26.83 -19.49
N TYR B 4 -1.13 -27.99 -19.47
CA TYR B 4 -1.65 -29.19 -18.80
C TYR B 4 -1.03 -29.28 -17.42
N LYS B 5 -1.88 -29.33 -16.40
CA LYS B 5 -1.41 -29.42 -15.02
C LYS B 5 -1.47 -30.88 -14.60
N LEU B 6 -0.29 -31.49 -14.49
CA LEU B 6 -0.20 -32.88 -14.12
C LEU B 6 0.27 -33.03 -12.67
N VAL B 7 -0.28 -34.00 -11.95
CA VAL B 7 0.14 -34.21 -10.56
C VAL B 7 0.63 -35.64 -10.36
N VAL B 8 1.81 -35.81 -9.76
CA VAL B 8 2.31 -37.16 -9.58
C VAL B 8 2.11 -37.61 -8.12
N VAL B 9 1.25 -38.58 -7.89
CA VAL B 9 1.04 -39.03 -6.51
C VAL B 9 1.34 -40.48 -6.25
N GLY B 10 1.53 -40.82 -4.99
CA GLY B 10 1.83 -42.19 -4.70
C GLY B 10 2.52 -42.27 -3.38
N ALA B 11 2.69 -43.49 -2.88
CA ALA B 11 3.33 -43.79 -1.60
C ALA B 11 4.72 -43.20 -1.45
N VAL B 12 5.34 -43.37 -0.30
CA VAL B 12 6.65 -42.78 -0.18
C VAL B 12 7.70 -43.73 -0.77
N GLY B 13 8.67 -43.17 -1.47
CA GLY B 13 9.69 -43.99 -2.09
C GLY B 13 9.38 -44.65 -3.43
N VAL B 14 8.13 -44.63 -3.89
CA VAL B 14 7.79 -45.25 -5.19
C VAL B 14 8.52 -44.64 -6.41
N GLY B 15 9.08 -43.44 -6.28
CA GLY B 15 9.79 -42.85 -7.40
C GLY B 15 9.04 -41.78 -8.18
N LYS B 16 8.38 -40.87 -7.48
CA LYS B 16 7.64 -39.82 -8.15
C LYS B 16 8.59 -38.72 -8.58
N SER B 17 9.68 -38.55 -7.86
CA SER B 17 10.62 -37.50 -8.21
C SER B 17 11.62 -37.96 -9.25
N ALA B 18 11.82 -39.28 -9.31
CA ALA B 18 12.75 -39.86 -10.26
C ALA B 18 12.07 -39.84 -11.61
N LEU B 19 10.82 -40.26 -11.61
CA LEU B 19 10.07 -40.28 -12.84
C LEU B 19 10.00 -38.87 -13.38
N THR B 20 9.74 -37.89 -12.51
CA THR B 20 9.64 -36.52 -12.96
C THR B 20 10.95 -35.92 -13.43
N ILE B 21 11.95 -35.93 -12.55
CA ILE B 21 13.27 -35.40 -12.87
C ILE B 21 13.85 -36.10 -14.08
N GLN B 22 13.42 -37.34 -14.28
CA GLN B 22 13.85 -38.11 -15.43
C GLN B 22 13.26 -37.38 -16.62
N LEU B 23 11.94 -37.33 -16.70
CA LEU B 23 11.30 -36.64 -17.81
C LEU B 23 11.68 -35.16 -17.95
N ILE B 24 12.13 -34.54 -16.86
CA ILE B 24 12.49 -33.14 -16.98
C ILE B 24 13.93 -32.93 -17.42
N GLN B 25 14.87 -33.46 -16.65
CA GLN B 25 16.31 -33.36 -16.96
C GLN B 25 16.86 -34.60 -17.72
N ASN B 26 16.02 -35.58 -18.01
CA ASN B 26 16.44 -36.79 -18.71
C ASN B 26 17.56 -37.50 -17.99
N HIS B 27 17.57 -37.38 -16.67
CA HIS B 27 18.62 -38.00 -15.90
C HIS B 27 17.98 -38.64 -14.69
N PHE B 28 18.56 -39.73 -14.21
CA PHE B 28 18.04 -40.49 -13.06
C PHE B 28 18.74 -40.23 -11.75
N VAL B 29 18.02 -39.67 -10.77
CA VAL B 29 18.62 -39.39 -9.44
C VAL B 29 18.65 -40.65 -8.55
N ASP B 30 19.83 -40.94 -8.01
CA ASP B 30 19.99 -42.12 -7.19
C ASP B 30 19.75 -41.83 -5.71
N GLU B 31 20.11 -40.63 -5.27
CA GLU B 31 19.90 -40.28 -3.88
C GLU B 31 18.43 -40.14 -3.61
N TYR B 32 18.03 -40.44 -2.38
CA TYR B 32 16.65 -40.29 -2.01
C TYR B 32 16.52 -38.96 -1.24
N ASP B 33 15.80 -38.02 -1.83
CA ASP B 33 15.58 -36.74 -1.20
C ASP B 33 14.08 -36.65 -1.02
N PRO B 34 13.55 -36.98 0.18
CA PRO B 34 12.11 -36.94 0.46
C PRO B 34 11.44 -35.62 0.06
N THR B 35 10.42 -35.68 -0.78
CA THR B 35 9.80 -34.46 -1.25
C THR B 35 8.63 -33.98 -0.41
N ILE B 36 8.43 -32.65 -0.35
CA ILE B 36 7.29 -32.09 0.38
C ILE B 36 6.32 -31.70 -0.72
N GLU B 37 6.88 -31.00 -1.71
CA GLU B 37 6.09 -30.57 -2.85
C GLU B 37 6.99 -29.74 -3.75
N ASP B 38 7.42 -30.34 -4.86
CA ASP B 38 8.27 -29.68 -5.84
C ASP B 38 7.47 -29.46 -7.10
N SER B 39 7.81 -28.41 -7.82
CA SER B 39 7.09 -28.15 -9.05
C SER B 39 8.11 -28.00 -10.16
N TYR B 40 7.70 -28.44 -11.35
CA TYR B 40 8.53 -28.36 -12.53
C TYR B 40 7.66 -28.07 -13.76
N ARG B 41 8.24 -27.31 -14.70
CA ARG B 41 7.56 -26.96 -15.93
C ARG B 41 8.43 -27.33 -17.14
N LYS B 42 7.79 -27.77 -18.23
CA LYS B 42 8.46 -28.17 -19.47
C LYS B 42 7.57 -28.02 -20.69
N GLN B 43 8.06 -27.25 -21.67
CA GLN B 43 7.33 -27.02 -22.91
C GLN B 43 7.54 -28.23 -23.77
N VAL B 44 6.47 -28.95 -24.00
CA VAL B 44 6.57 -30.17 -24.75
C VAL B 44 5.60 -30.15 -25.91
N VAL B 45 5.94 -30.86 -26.98
CA VAL B 45 5.08 -30.95 -28.16
C VAL B 45 4.53 -32.36 -28.24
N ILE B 46 3.31 -32.57 -27.74
CA ILE B 46 2.77 -33.91 -27.77
C ILE B 46 2.52 -34.37 -29.19
N ASP B 47 1.27 -34.33 -29.62
CA ASP B 47 1.01 -34.78 -30.98
C ASP B 47 1.05 -33.61 -31.95
N GLY B 48 2.12 -32.84 -31.88
CA GLY B 48 2.27 -31.69 -32.73
C GLY B 48 1.48 -30.52 -32.17
N GLU B 49 0.86 -30.73 -31.01
CA GLU B 49 0.06 -29.69 -30.38
C GLU B 49 0.89 -28.67 -29.59
N THR B 50 2.17 -28.95 -29.38
CA THR B 50 3.05 -28.02 -28.65
C THR B 50 2.38 -27.37 -27.45
N CYS B 51 2.35 -28.11 -26.35
CA CYS B 51 1.76 -27.64 -25.11
C CYS B 51 2.82 -27.33 -24.06
N LEU B 52 2.33 -27.08 -22.85
CA LEU B 52 3.18 -26.74 -21.71
C LEU B 52 2.80 -27.65 -20.55
N LEU B 53 3.76 -28.38 -20.00
CA LEU B 53 3.49 -29.29 -18.88
C LEU B 53 3.81 -28.70 -17.51
N ASP B 54 2.83 -28.80 -16.63
CA ASP B 54 2.93 -28.33 -15.26
C ASP B 54 2.93 -29.61 -14.43
N ILE B 55 4.12 -30.07 -14.08
CA ILE B 55 4.24 -31.28 -13.32
C ILE B 55 4.42 -30.91 -11.86
N LEU B 56 3.52 -31.44 -11.02
CA LEU B 56 3.57 -31.21 -9.59
C LEU B 56 4.02 -32.47 -8.91
N ASP B 57 5.13 -32.38 -8.20
CA ASP B 57 5.71 -33.52 -7.51
C ASP B 57 5.31 -33.50 -6.04
N THR B 58 4.33 -34.31 -5.71
CA THR B 58 3.81 -34.35 -4.36
C THR B 58 4.58 -35.21 -3.39
N ALA B 59 4.10 -35.23 -2.16
CA ALA B 59 4.73 -35.98 -1.10
C ALA B 59 4.11 -37.37 -0.95
N GLY B 60 4.82 -38.24 -0.28
CA GLY B 60 4.31 -39.58 -0.10
C GLY B 60 4.11 -39.84 1.37
N GLN B 61 4.94 -39.18 2.19
CA GLN B 61 4.85 -39.32 3.63
C GLN B 61 3.52 -38.74 4.06
N GLU B 62 2.75 -39.51 4.84
CA GLU B 62 1.45 -39.05 5.31
C GLU B 62 1.57 -37.83 6.23
N GLU B 63 2.80 -37.47 6.55
CA GLU B 63 3.10 -36.32 7.38
C GLU B 63 2.72 -34.98 6.72
N TYR B 64 2.30 -35.02 5.44
CA TYR B 64 1.92 -33.81 4.67
C TYR B 64 0.64 -34.06 3.92
N SER B 65 -0.11 -35.08 4.33
CA SER B 65 -1.35 -35.45 3.67
C SER B 65 -2.36 -34.31 3.56
N ALA B 66 -2.25 -33.36 4.46
CA ALA B 66 -3.15 -32.24 4.48
C ALA B 66 -3.20 -31.52 3.15
N MET B 67 -2.04 -31.13 2.66
CA MET B 67 -1.93 -30.41 1.43
C MET B 67 -2.36 -31.19 0.17
N ARG B 68 -2.94 -32.37 0.36
CA ARG B 68 -3.40 -33.18 -0.77
C ARG B 68 -4.63 -32.62 -1.42
N ASP B 69 -5.54 -32.10 -0.59
CA ASP B 69 -6.80 -31.53 -1.06
C ASP B 69 -6.49 -30.35 -1.97
N GLN B 70 -5.60 -29.50 -1.48
CA GLN B 70 -5.18 -28.32 -2.21
C GLN B 70 -4.91 -28.67 -3.67
N TYR B 71 -3.87 -29.48 -3.92
CA TYR B 71 -3.49 -29.89 -5.27
C TYR B 71 -4.47 -30.82 -5.95
N MET B 72 -5.08 -31.70 -5.17
CA MET B 72 -6.02 -32.61 -5.74
C MET B 72 -7.11 -31.80 -6.39
N ARG B 73 -7.31 -30.57 -5.94
CA ARG B 73 -8.34 -29.73 -6.53
C ARG B 73 -7.84 -29.15 -7.83
N THR B 74 -6.81 -28.32 -7.74
CA THR B 74 -6.25 -27.67 -8.91
C THR B 74 -5.62 -28.65 -9.90
N GLY B 75 -5.54 -29.92 -9.55
CA GLY B 75 -4.95 -30.89 -10.44
C GLY B 75 -5.79 -31.26 -11.64
N GLU B 76 -5.21 -31.18 -12.84
CA GLU B 76 -5.93 -31.55 -14.06
C GLU B 76 -5.82 -33.05 -14.29
N GLY B 77 -4.64 -33.59 -14.05
CA GLY B 77 -4.44 -35.02 -14.26
C GLY B 77 -3.50 -35.62 -13.24
N PHE B 78 -3.82 -36.84 -12.82
CA PHE B 78 -3.00 -37.47 -11.82
C PHE B 78 -2.25 -38.67 -12.26
N LEU B 79 -0.99 -38.73 -11.88
CA LEU B 79 -0.16 -39.87 -12.23
C LEU B 79 0.02 -40.66 -10.92
N CYS B 80 -0.82 -41.69 -10.74
CA CYS B 80 -0.80 -42.54 -9.56
C CYS B 80 0.27 -43.59 -9.70
N VAL B 81 1.39 -43.34 -9.03
CA VAL B 81 2.54 -44.21 -9.09
C VAL B 81 2.73 -45.14 -7.91
N PHE B 82 3.25 -46.34 -8.18
CA PHE B 82 3.57 -47.27 -7.11
C PHE B 82 4.74 -48.13 -7.57
N ALA B 83 5.46 -48.72 -6.63
CA ALA B 83 6.61 -49.56 -6.97
C ALA B 83 6.16 -51.01 -7.11
N ILE B 84 6.75 -51.75 -8.03
CA ILE B 84 6.36 -53.13 -8.23
C ILE B 84 7.12 -54.09 -7.30
N ASN B 85 7.97 -53.56 -6.43
CA ASN B 85 8.71 -54.39 -5.50
C ASN B 85 8.22 -54.09 -4.09
N ASN B 86 7.22 -53.23 -4.02
CA ASN B 86 6.65 -52.85 -2.74
C ASN B 86 5.13 -52.91 -2.82
N THR B 87 4.56 -53.97 -2.28
CA THR B 87 3.12 -54.16 -2.31
C THR B 87 2.30 -53.03 -1.71
N LYS B 88 2.64 -52.68 -0.48
CA LYS B 88 1.95 -51.64 0.24
C LYS B 88 1.59 -50.51 -0.71
N SER B 89 2.62 -49.84 -1.20
CA SER B 89 2.44 -48.72 -2.11
C SER B 89 1.35 -49.00 -3.14
N PHE B 90 1.20 -50.26 -3.50
CA PHE B 90 0.17 -50.63 -4.48
C PHE B 90 -1.19 -50.45 -3.86
N GLU B 91 -1.36 -51.00 -2.66
CA GLU B 91 -2.60 -50.89 -1.93
C GLU B 91 -2.92 -49.41 -1.67
N ASP B 92 -1.91 -48.66 -1.26
CA ASP B 92 -2.07 -47.23 -1.02
C ASP B 92 -2.54 -46.47 -2.26
N ILE B 93 -2.41 -47.09 -3.44
CA ILE B 93 -2.82 -46.41 -4.65
C ILE B 93 -4.35 -46.18 -4.63
N HIS B 94 -5.09 -47.08 -4.00
CA HIS B 94 -6.54 -46.96 -3.89
C HIS B 94 -6.87 -45.70 -3.08
N GLN B 95 -6.12 -45.48 -2.00
CA GLN B 95 -6.29 -44.35 -1.09
C GLN B 95 -6.26 -43.05 -1.90
N TYR B 96 -5.32 -42.96 -2.83
CA TYR B 96 -5.23 -41.75 -3.63
C TYR B 96 -6.38 -41.65 -4.59
N ARG B 97 -6.76 -42.79 -5.16
CA ARG B 97 -7.84 -42.85 -6.12
C ARG B 97 -9.13 -42.30 -5.53
N GLU B 98 -9.47 -42.70 -4.31
CA GLU B 98 -10.69 -42.24 -3.67
C GLU B 98 -10.71 -40.76 -3.31
N GLN B 99 -9.65 -40.31 -2.66
CA GLN B 99 -9.54 -38.90 -2.26
C GLN B 99 -9.61 -38.00 -3.46
N ILE B 100 -9.17 -38.49 -4.62
CA ILE B 100 -9.20 -37.68 -5.82
C ILE B 100 -10.63 -37.59 -6.35
N LYS B 101 -11.34 -38.72 -6.34
CA LYS B 101 -12.73 -38.74 -6.80
C LYS B 101 -13.52 -37.80 -5.91
N ARG B 102 -13.34 -37.97 -4.60
CA ARG B 102 -14.01 -37.13 -3.62
C ARG B 102 -13.67 -35.66 -3.84
N VAL B 103 -12.40 -35.31 -3.70
CA VAL B 103 -12.01 -33.91 -3.86
C VAL B 103 -12.44 -33.29 -5.16
N LYS B 104 -12.68 -34.13 -6.18
CA LYS B 104 -13.12 -33.62 -7.48
C LYS B 104 -14.54 -34.05 -7.80
N ASP B 105 -15.21 -34.67 -6.83
CA ASP B 105 -16.59 -35.13 -7.01
C ASP B 105 -16.86 -35.57 -8.46
N SER B 106 -15.96 -36.36 -9.01
CA SER B 106 -16.07 -36.86 -10.38
C SER B 106 -15.64 -38.31 -10.46
N ASP B 107 -15.96 -38.99 -11.56
CA ASP B 107 -15.56 -40.37 -11.72
C ASP B 107 -14.77 -40.51 -13.00
N ASP B 108 -14.54 -39.40 -13.69
CA ASP B 108 -13.79 -39.43 -14.93
C ASP B 108 -12.47 -38.67 -14.81
N VAL B 109 -12.03 -38.35 -13.59
CA VAL B 109 -10.78 -37.64 -13.42
C VAL B 109 -9.65 -38.33 -14.19
N PRO B 110 -8.94 -37.60 -15.06
CA PRO B 110 -7.84 -38.15 -15.85
C PRO B 110 -6.73 -38.74 -14.99
N MET B 111 -6.64 -40.06 -15.00
CA MET B 111 -5.64 -40.75 -14.21
C MET B 111 -4.91 -41.82 -14.97
N VAL B 112 -3.71 -42.12 -14.49
CA VAL B 112 -2.91 -43.16 -15.11
C VAL B 112 -2.21 -43.96 -14.05
N LEU B 113 -2.55 -45.23 -13.96
CA LEU B 113 -1.91 -46.09 -12.99
C LEU B 113 -0.52 -46.34 -13.52
N VAL B 114 0.49 -46.11 -12.69
CA VAL B 114 1.87 -46.30 -13.10
C VAL B 114 2.60 -47.30 -12.20
N GLY B 115 3.07 -48.40 -12.77
CA GLY B 115 3.82 -49.38 -11.99
C GLY B 115 5.27 -49.00 -12.24
N ASN B 116 6.06 -48.72 -11.21
CA ASN B 116 7.44 -48.27 -11.44
C ASN B 116 8.53 -49.17 -10.83
N LYS B 117 9.80 -48.89 -11.13
CA LYS B 117 10.90 -49.71 -10.61
C LYS B 117 10.84 -51.09 -11.26
N CYS B 118 10.40 -51.11 -12.51
CA CYS B 118 10.28 -52.36 -13.22
C CYS B 118 11.61 -53.00 -13.57
N ASP B 119 12.67 -52.23 -13.37
CA ASP B 119 14.01 -52.67 -13.65
C ASP B 119 14.52 -53.54 -12.49
N LEU B 120 13.76 -53.60 -11.39
CA LEU B 120 14.16 -54.40 -10.25
C LEU B 120 13.68 -55.82 -10.45
N ALA B 121 14.53 -56.78 -10.08
CA ALA B 121 14.20 -58.19 -10.25
C ALA B 121 13.14 -58.72 -9.31
N ALA B 122 13.30 -58.46 -8.03
CA ALA B 122 12.36 -58.98 -7.04
C ALA B 122 10.98 -58.36 -7.08
N ARG B 123 10.20 -58.66 -8.11
CA ARG B 123 8.86 -58.10 -8.17
C ARG B 123 8.01 -58.77 -7.11
N THR B 124 6.91 -58.10 -6.74
CA THR B 124 5.97 -58.62 -5.76
C THR B 124 4.56 -58.18 -6.15
N VAL B 125 4.45 -57.43 -7.25
CA VAL B 125 3.14 -56.98 -7.71
C VAL B 125 2.88 -57.39 -9.16
N GLU B 126 2.22 -58.52 -9.35
CA GLU B 126 1.90 -59.06 -10.67
C GLU B 126 1.19 -57.99 -11.52
N SER B 127 1.52 -57.95 -12.81
CA SER B 127 0.91 -56.99 -13.73
C SER B 127 -0.56 -57.24 -13.97
N ARG B 128 -0.99 -58.46 -13.67
CA ARG B 128 -2.39 -58.80 -13.85
C ARG B 128 -3.19 -58.04 -12.82
N GLN B 129 -2.70 -57.99 -11.58
CA GLN B 129 -3.40 -57.28 -10.52
C GLN B 129 -3.51 -55.82 -10.88
N ALA B 130 -2.37 -55.26 -11.26
CA ALA B 130 -2.30 -53.86 -11.64
C ALA B 130 -3.17 -53.52 -12.86
N GLN B 131 -3.15 -54.41 -13.84
CA GLN B 131 -3.94 -54.20 -15.04
C GLN B 131 -5.42 -54.21 -14.71
N ASP B 132 -5.83 -55.22 -13.94
CA ASP B 132 -7.23 -55.37 -13.52
C ASP B 132 -7.68 -54.13 -12.74
N LEU B 133 -6.92 -53.74 -11.73
CA LEU B 133 -7.24 -52.57 -10.94
C LEU B 133 -7.42 -51.36 -11.84
N ALA B 134 -6.46 -51.17 -12.74
CA ALA B 134 -6.48 -50.04 -13.66
C ALA B 134 -7.74 -50.16 -14.50
N ARG B 135 -8.04 -51.39 -14.89
CA ARG B 135 -9.21 -51.71 -15.69
C ARG B 135 -10.45 -51.34 -14.89
N SER B 136 -10.38 -51.59 -13.59
CA SER B 136 -11.47 -51.27 -12.66
C SER B 136 -11.70 -49.78 -12.67
N TYR B 137 -10.61 -49.04 -12.45
CA TYR B 137 -10.66 -47.59 -12.41
C TYR B 137 -11.00 -47.02 -13.78
N GLY B 138 -10.83 -47.85 -14.80
CA GLY B 138 -11.12 -47.41 -16.16
C GLY B 138 -10.07 -46.43 -16.64
N ILE B 139 -8.83 -46.63 -16.23
CA ILE B 139 -7.74 -45.76 -16.64
C ILE B 139 -6.61 -46.64 -17.15
N PRO B 140 -5.69 -46.07 -17.94
CA PRO B 140 -4.54 -46.80 -18.49
C PRO B 140 -3.59 -47.28 -17.43
N TYR B 141 -2.80 -48.29 -17.77
CA TYR B 141 -1.80 -48.81 -16.87
C TYR B 141 -0.51 -48.83 -17.65
N ILE B 142 0.56 -48.29 -17.07
CA ILE B 142 1.84 -48.23 -17.75
C ILE B 142 2.97 -48.57 -16.81
N GLU B 143 3.73 -49.63 -17.07
CA GLU B 143 4.85 -49.96 -16.20
C GLU B 143 6.00 -49.06 -16.59
N THR B 144 6.80 -48.60 -15.62
CA THR B 144 7.90 -47.70 -15.92
C THR B 144 9.19 -48.03 -15.19
N SER B 145 10.19 -47.16 -15.36
CA SER B 145 11.48 -47.29 -14.68
C SER B 145 12.26 -46.03 -14.92
N ALA B 146 12.38 -45.21 -13.88
CA ALA B 146 13.08 -43.95 -14.00
C ALA B 146 14.56 -44.20 -14.22
N LYS B 147 14.98 -45.44 -14.02
CA LYS B 147 16.39 -45.82 -14.18
C LYS B 147 16.77 -46.09 -15.63
N THR B 148 15.95 -46.91 -16.29
CA THR B 148 16.15 -47.32 -17.67
C THR B 148 15.26 -46.52 -18.64
N ARG B 149 14.61 -45.48 -18.15
CA ARG B 149 13.69 -44.64 -18.95
C ARG B 149 12.53 -45.38 -19.61
N GLN B 150 12.26 -46.61 -19.14
CA GLN B 150 11.15 -47.42 -19.65
C GLN B 150 9.83 -46.78 -19.34
N GLY B 151 8.98 -46.65 -20.34
CA GLY B 151 7.67 -46.05 -20.14
C GLY B 151 7.57 -44.66 -19.55
N VAL B 152 8.68 -43.99 -19.29
CA VAL B 152 8.63 -42.65 -18.70
C VAL B 152 7.85 -41.60 -19.50
N GLU B 153 8.30 -41.26 -20.70
CA GLU B 153 7.58 -40.25 -21.48
C GLU B 153 6.18 -40.75 -21.80
N ASP B 154 6.03 -42.04 -21.97
CA ASP B 154 4.73 -42.58 -22.29
C ASP B 154 3.71 -42.33 -21.19
N ALA B 155 4.09 -42.59 -19.95
CA ALA B 155 3.21 -42.37 -18.82
C ALA B 155 2.69 -40.95 -18.87
N PHE B 156 3.60 -39.97 -18.74
CA PHE B 156 3.18 -38.58 -18.80
C PHE B 156 2.33 -38.19 -20.01
N TYR B 157 2.76 -38.50 -21.23
CA TYR B 157 1.98 -38.12 -22.40
C TYR B 157 0.62 -38.79 -22.42
N THR B 158 0.53 -40.01 -21.90
CA THR B 158 -0.77 -40.69 -21.84
C THR B 158 -1.69 -39.89 -20.92
N LEU B 159 -1.13 -39.26 -19.89
CA LEU B 159 -1.95 -38.45 -19.01
C LEU B 159 -2.44 -37.21 -19.74
N VAL B 160 -1.53 -36.52 -20.42
CA VAL B 160 -1.87 -35.33 -21.18
C VAL B 160 -3.01 -35.68 -22.14
N ARG B 161 -2.98 -36.90 -22.67
CA ARG B 161 -4.01 -37.33 -23.60
C ARG B 161 -5.31 -37.66 -22.88
N GLU B 162 -5.19 -38.14 -21.64
CA GLU B 162 -6.35 -38.48 -20.84
C GLU B 162 -7.08 -37.17 -20.53
N ILE B 163 -6.28 -36.15 -20.21
CA ILE B 163 -6.78 -34.83 -19.89
C ILE B 163 -7.45 -34.21 -21.11
N ARG B 164 -7.01 -34.60 -22.29
CA ARG B 164 -7.60 -34.10 -23.52
C ARG B 164 -8.91 -34.83 -23.82
N GLN B 165 -8.97 -36.13 -23.54
CA GLN B 165 -10.17 -36.91 -23.79
C GLN B 165 -11.21 -36.70 -22.69
N HIS B 166 -10.93 -35.76 -21.79
CA HIS B 166 -11.85 -35.45 -20.70
C HIS B 166 -12.30 -33.99 -20.81
#